data_4GP5
#
_entry.id   4GP5
#
_cell.length_a   144.090
_cell.length_b   97.960
_cell.length_c   94.650
_cell.angle_alpha   90.00
_cell.angle_beta   127.99
_cell.angle_gamma   90.00
#
_symmetry.space_group_name_H-M   'C 1 2 1'
#
loop_
_entity.id
_entity.type
_entity.pdbx_description
1 polymer 'Cytochrome c oxidase subunit 1'
2 polymer 'Cytochrome c oxidase subunit 2'
3 polymer 'Cytochrome c oxidase polypeptide 2A'
4 non-polymer 'COPPER (II) ION'
5 non-polymer 'PROTOPORPHYRIN IX CONTAINING FE'
6 non-polymer HEME-AS
7 non-polymer 'PEROXIDE ION'
8 non-polymer '(2R)-2,3-dihydroxypropyl (9Z)-octadec-9-enoate'
9 non-polymer 'DINUCLEAR COPPER ION'
10 water water
#
loop_
_entity_poly.entity_id
_entity_poly.type
_entity_poly.pdbx_seq_one_letter_code
_entity_poly.pdbx_strand_id
1 'polypeptide(L)'
;MHHHHHHAVRASEISRVYEAYPEKKATLYFLVLGFLALIVGSLFGPFQALNYGNVDAYPLLKRLLPFVQSYYQGLTLHGV
LNAIVFTQLFAQAIMVYLPARELNMRPNMGLMWLSWWMAFIGLVVAALPLLANEATVLWTFYPPLKGHWAFYLGASVFVL
STWVSIYIVLDLWRRWKAANPGKVTPLVTYMAVVFWLMWFLASLGLVLEAVLFLLPWSFGLVEGVDPLVARTLFWWTGHP
IVYFWLLPAYAIIYTILPKQAGGKLVSDPMARLAFLLFLLLSTPVGFHHQFADPGIDPTWKMIHSVLTLFVAVPSLMTAF
TVAASLEFAGRLRGGRGLFGWIRALPWDNPAFVAPVLGLLGFIPGGAGGIVNASFTLDYVVHNTAWVPGHFHLQVASLVT
LTAMGSLYWLLPNLTGKPISDAQRRLGLAVVWLWFLGMMIMAVGLHWAGLLNVPRRAYIAQVPDAYPHAAVPMVFNVLAG
IVLLVALLLFIYGLFSVLLSRERKPELAEAPLPFAEVISGPEDRRLVLAMDRIGFWFAVAAILVVLAYGPTLVQLFGHLN
PVPGWRLW
;
A
2 'polypeptide(L)'
;MVDEHKAHKAILAYEKGWLAFSLAMLFVFIALIAYTLATHTAGVIPAGKLERVDPTTVRQEGPWADPAQAVVQTGPNQYT
VYVLAFAFGYQPNPIEVPQGAEIVFKITSPDVIHGFHVEGTNINVEVLPGEVSTVRYTFKRPGEYRIICNQYCGLGHQNM
FGTIVVKE
;
B
3 'polypeptide(L)' MEEKPKGALAVILVLTLTILVFWLGVYAVFFARG C
#
loop_
_chem_comp.id
_chem_comp.type
_chem_comp.name
_chem_comp.formula
CU non-polymer 'COPPER (II) ION' 'Cu 2'
CUA non-polymer 'DINUCLEAR COPPER ION' Cu2
HAS non-polymer HEME-AS 'C54 H64 Fe N4 O6'
HEM non-polymer 'PROTOPORPHYRIN IX CONTAINING FE' 'C34 H32 Fe N4 O4'
OLC non-polymer '(2R)-2,3-dihydroxypropyl (9Z)-octadec-9-enoate' 'C21 H40 O4'
PER non-polymer 'PEROXIDE ION' 'O2 -2'
#
# COMPACT_ATOMS: atom_id res chain seq x y z
N SER A 15 -36.96 2.39 -12.42
CA SER A 15 -37.04 0.92 -12.13
C SER A 15 -37.78 0.70 -10.82
N ARG A 16 -38.59 -0.34 -10.78
CA ARG A 16 -39.35 -0.67 -9.56
C ARG A 16 -38.38 -1.18 -8.50
N VAL A 17 -37.26 -1.76 -8.93
CA VAL A 17 -36.25 -2.35 -8.01
C VAL A 17 -35.45 -1.28 -7.26
N TYR A 18 -35.12 -0.20 -7.98
CA TYR A 18 -34.45 0.97 -7.40
C TYR A 18 -35.38 1.73 -6.49
N GLU A 19 -36.69 1.67 -6.76
CA GLU A 19 -37.68 2.21 -5.82
C GLU A 19 -37.55 1.47 -4.48
N ALA A 20 -37.46 0.14 -4.55
CA ALA A 20 -37.34 -0.71 -3.33
C ALA A 20 -35.93 -0.87 -2.73
N TYR A 21 -34.91 -0.82 -3.58
CA TYR A 21 -33.52 -0.90 -3.11
C TYR A 21 -32.72 0.21 -3.72
N PRO A 22 -32.99 1.45 -3.30
CA PRO A 22 -32.19 2.61 -3.71
C PRO A 22 -30.67 2.49 -3.46
N GLU A 23 -30.28 1.66 -2.47
CA GLU A 23 -28.87 1.40 -2.20
C GLU A 23 -28.15 0.71 -3.36
N LYS A 24 -28.90 0.07 -4.24
CA LYS A 24 -28.30 -0.50 -5.43
C LYS A 24 -27.71 0.56 -6.35
N LYS A 25 -28.38 1.70 -6.46
CA LYS A 25 -28.00 2.70 -7.46
C LYS A 25 -26.85 3.56 -6.97
N ALA A 26 -26.86 3.88 -5.68
CA ALA A 26 -25.78 4.62 -5.09
C ALA A 26 -24.53 3.74 -5.16
N THR A 27 -24.68 2.46 -4.82
CA THR A 27 -23.57 1.48 -4.91
C THR A 27 -22.99 1.44 -6.31
N LEU A 28 -23.87 1.25 -7.30
CA LEU A 28 -23.47 1.28 -8.69
C LEU A 28 -22.62 2.52 -9.03
N TYR A 29 -23.06 3.69 -8.59
CA TYR A 29 -22.34 4.94 -8.83
C TYR A 29 -20.94 4.94 -8.24
N PHE A 30 -20.78 4.29 -7.08
CA PHE A 30 -19.48 4.19 -6.50
C PHE A 30 -18.62 3.28 -7.36
N LEU A 31 -19.16 2.12 -7.76
CA LEU A 31 -18.40 1.22 -8.65
C LEU A 31 -17.92 1.86 -9.97
N VAL A 32 -18.85 2.39 -10.74
CA VAL A 32 -18.56 2.96 -12.03
C VAL A 32 -17.56 4.07 -11.89
N LEU A 33 -17.81 5.03 -11.00
CA LEU A 33 -16.83 6.11 -10.79
C LEU A 33 -15.48 5.54 -10.42
N GLY A 34 -15.50 4.54 -9.55
CA GLY A 34 -14.28 3.84 -9.12
C GLY A 34 -13.48 3.29 -10.29
N PHE A 35 -14.14 2.49 -11.13
CA PHE A 35 -13.50 1.91 -12.31
C PHE A 35 -13.03 2.97 -13.29
N LEU A 36 -13.81 4.04 -13.44
CA LEU A 36 -13.44 5.12 -14.35
C LEU A 36 -12.16 5.72 -13.80
N ALA A 37 -12.11 5.93 -12.49
CA ALA A 37 -10.88 6.38 -11.89
C ALA A 37 -9.80 5.35 -12.24
N LEU A 38 -10.08 4.05 -12.07
CA LEU A 38 -9.06 3.01 -12.33
C LEU A 38 -8.53 3.07 -13.75
N ILE A 39 -9.44 3.22 -14.71
CA ILE A 39 -9.07 3.21 -16.13
C ILE A 39 -8.10 4.35 -16.44
N VAL A 40 -8.47 5.57 -16.05
CA VAL A 40 -7.68 6.76 -16.40
C VAL A 40 -6.32 6.67 -15.72
N GLY A 41 -6.32 6.29 -14.45
CA GLY A 41 -5.10 6.17 -13.66
C GLY A 41 -4.24 5.15 -14.34
N SER A 42 -4.86 4.03 -14.69
CA SER A 42 -4.13 2.96 -15.32
C SER A 42 -3.55 3.22 -16.75
N LEU A 43 -4.10 4.19 -17.48
CA LEU A 43 -3.56 4.52 -18.80
C LEU A 43 -2.04 4.76 -18.73
N PHE A 44 -1.57 5.21 -17.57
CA PHE A 44 -0.17 5.61 -17.40
C PHE A 44 0.73 4.45 -17.05
N GLY A 45 0.14 3.39 -16.55
CA GLY A 45 0.87 2.18 -16.19
C GLY A 45 1.83 1.59 -17.22
N PRO A 46 1.33 1.27 -18.42
CA PRO A 46 2.17 0.62 -19.43
C PRO A 46 3.34 1.56 -19.70
N PHE A 47 3.09 2.86 -19.80
CA PHE A 47 4.17 3.81 -20.03
C PHE A 47 5.24 3.75 -18.94
N GLN A 48 4.82 3.61 -17.69
CA GLN A 48 5.73 3.51 -16.57
C GLN A 48 6.47 2.19 -16.60
N ALA A 49 5.74 1.11 -16.88
CA ALA A 49 6.37 -0.20 -17.06
C ALA A 49 7.44 -0.15 -18.15
N LEU A 50 7.15 0.49 -19.28
CA LEU A 50 8.12 0.58 -20.37
C LEU A 50 9.34 1.36 -19.92
N ASN A 51 9.09 2.41 -19.16
CA ASN A 51 10.16 3.20 -18.53
C ASN A 51 11.09 2.40 -17.62
N TYR A 52 10.50 1.59 -16.72
CA TYR A 52 11.31 0.72 -15.86
C TYR A 52 11.98 -0.39 -16.64
N GLY A 53 11.73 -0.45 -17.95
CA GLY A 53 12.40 -1.37 -18.81
C GLY A 53 13.36 -0.62 -19.68
N ASN A 54 13.57 0.66 -19.35
CA ASN A 54 14.48 1.54 -20.10
C ASN A 54 14.01 1.85 -21.51
N VAL A 55 12.70 1.87 -21.72
CA VAL A 55 12.11 2.27 -23.01
C VAL A 55 11.24 3.51 -22.80
N ASP A 56 11.53 4.55 -23.58
CA ASP A 56 10.84 5.82 -23.44
C ASP A 56 9.72 6.05 -24.46
N ALA A 57 8.48 5.78 -24.07
CA ALA A 57 7.28 6.02 -24.94
C ALA A 57 6.43 7.23 -24.50
N TYR A 58 7.05 8.22 -23.89
CA TYR A 58 6.32 9.39 -23.51
C TYR A 58 5.95 10.32 -24.66
N PRO A 59 6.86 10.48 -25.64
CA PRO A 59 6.50 11.21 -26.88
C PRO A 59 5.18 10.68 -27.44
N LEU A 60 5.01 9.37 -27.51
CA LEU A 60 3.71 8.80 -27.88
C LEU A 60 2.57 9.30 -26.95
N LEU A 61 2.73 9.10 -25.63
CA LEU A 61 1.71 9.50 -24.66
C LEU A 61 1.34 10.99 -24.80
N LYS A 62 2.33 11.80 -25.16
CA LYS A 62 2.13 13.24 -25.23
C LYS A 62 1.42 13.69 -26.50
N ARG A 63 1.38 12.82 -27.49
CA ARG A 63 0.62 13.11 -28.68
C ARG A 63 -0.83 12.71 -28.38
N LEU A 64 -0.99 11.49 -27.88
CA LEU A 64 -2.29 11.01 -27.45
C LEU A 64 -2.97 11.85 -26.34
N LEU A 65 -2.20 12.30 -25.34
CA LEU A 65 -2.75 13.11 -24.24
C LEU A 65 -1.89 14.35 -24.04
N PRO A 66 -2.20 15.40 -24.82
CA PRO A 66 -1.36 16.60 -24.89
C PRO A 66 -1.21 17.43 -23.61
N PHE A 67 -2.14 17.27 -22.66
CA PHE A 67 -2.06 18.01 -21.40
C PHE A 67 -0.93 17.51 -20.49
N VAL A 68 -0.41 16.31 -20.78
CA VAL A 68 0.60 15.65 -19.96
C VAL A 68 1.96 16.27 -20.21
N GLN A 69 2.56 16.85 -19.17
CA GLN A 69 3.82 17.61 -19.31
C GLN A 69 5.06 16.84 -18.92
N SER A 70 4.90 15.85 -18.03
CA SER A 70 6.03 15.04 -17.60
C SER A 70 5.65 13.68 -17.11
N TYR A 71 6.67 12.84 -17.04
CA TYR A 71 6.56 11.52 -16.51
C TYR A 71 5.93 11.60 -15.09
N TYR A 72 6.29 12.66 -14.35
CA TYR A 72 5.90 12.79 -12.94
C TYR A 72 4.46 13.30 -12.74
N GLN A 73 4.00 14.15 -13.65
CA GLN A 73 2.57 14.45 -13.74
C GLN A 73 1.81 13.12 -13.93
N GLY A 74 2.20 12.35 -14.95
CA GLY A 74 1.61 11.00 -15.21
C GLY A 74 1.62 10.07 -13.98
N LEU A 75 2.78 10.01 -13.31
CA LEU A 75 2.97 9.27 -12.08
C LEU A 75 2.01 9.73 -10.94
N THR A 76 1.79 11.03 -10.82
CA THR A 76 0.88 11.56 -9.81
C THR A 76 -0.50 11.07 -10.11
N LEU A 77 -0.96 11.26 -11.36
CA LEU A 77 -2.30 10.87 -11.76
C LEU A 77 -2.52 9.40 -11.49
N HIS A 78 -1.56 8.60 -11.90
CA HIS A 78 -1.58 7.16 -11.70
C HIS A 78 -1.76 6.80 -10.22
N GLY A 79 -0.90 7.38 -9.38
CA GLY A 79 -0.95 7.15 -7.94
C GLY A 79 -2.26 7.57 -7.35
N VAL A 80 -2.61 8.84 -7.52
CA VAL A 80 -3.84 9.39 -6.95
C VAL A 80 -5.12 8.65 -7.40
N LEU A 81 -5.26 8.42 -8.72
CA LEU A 81 -6.48 7.85 -9.29
C LEU A 81 -6.61 6.36 -9.06
N ASN A 82 -5.49 5.66 -9.03
CA ASN A 82 -5.48 4.21 -8.76
C ASN A 82 -5.45 3.87 -7.29
N ALA A 83 -4.49 4.43 -6.55
CA ALA A 83 -4.34 4.10 -5.12
C ALA A 83 -5.26 4.86 -4.14
N ILE A 84 -5.66 6.09 -4.48
CA ILE A 84 -6.54 6.87 -3.58
C ILE A 84 -8.03 6.75 -3.99
N VAL A 85 -8.34 7.18 -5.21
CA VAL A 85 -9.72 7.28 -5.69
C VAL A 85 -10.44 5.94 -5.92
N PHE A 86 -10.02 5.20 -6.95
CA PHE A 86 -10.53 3.86 -7.21
C PHE A 86 -10.72 2.97 -5.97
N THR A 87 -9.65 2.82 -5.17
CA THR A 87 -9.67 1.90 -4.04
C THR A 87 -10.71 2.34 -3.04
N GLN A 88 -10.77 3.64 -2.80
CA GLN A 88 -11.77 4.21 -1.87
C GLN A 88 -13.25 3.99 -2.35
N LEU A 89 -13.51 4.36 -3.59
CA LEU A 89 -14.84 4.19 -4.15
C LEU A 89 -15.20 2.75 -3.93
N PHE A 90 -14.28 1.85 -4.25
CA PHE A 90 -14.55 0.45 -4.15
C PHE A 90 -14.92 0.07 -2.72
N ALA A 91 -14.10 0.50 -1.76
CA ALA A 91 -14.34 0.22 -0.35
C ALA A 91 -15.76 0.68 0.06
N GLN A 92 -16.11 1.90 -0.35
CA GLN A 92 -17.42 2.48 0.00
C GLN A 92 -18.59 1.72 -0.65
N ALA A 93 -18.39 1.26 -1.89
CA ALA A 93 -19.36 0.39 -2.55
C ALA A 93 -19.51 -0.92 -1.78
N ILE A 94 -18.41 -1.64 -1.60
CA ILE A 94 -18.52 -2.94 -0.97
C ILE A 94 -18.95 -2.88 0.48
N MET A 95 -18.23 -2.10 1.28
CA MET A 95 -18.38 -2.17 2.74
C MET A 95 -19.59 -1.41 3.25
N VAL A 96 -20.36 -0.81 2.33
CA VAL A 96 -21.70 -0.34 2.67
C VAL A 96 -22.79 -1.30 2.18
N TYR A 97 -22.79 -1.60 0.88
CA TYR A 97 -23.82 -2.40 0.28
C TYR A 97 -23.90 -3.82 0.84
N LEU A 98 -22.76 -4.45 1.05
CA LEU A 98 -22.76 -5.82 1.56
C LEU A 98 -23.44 -6.00 2.97
N PRO A 99 -23.02 -5.21 3.98
CA PRO A 99 -23.70 -5.27 5.28
C PRO A 99 -25.18 -4.92 5.13
N ALA A 100 -25.50 -4.01 4.22
CA ALA A 100 -26.89 -3.65 3.98
C ALA A 100 -27.73 -4.84 3.48
N ARG A 101 -27.17 -5.62 2.56
CA ARG A 101 -27.84 -6.80 2.07
C ARG A 101 -27.95 -7.92 3.11
N GLU A 102 -26.89 -8.16 3.87
CA GLU A 102 -26.90 -9.20 4.90
C GLU A 102 -27.90 -8.86 6.01
N LEU A 103 -27.96 -7.59 6.38
CA LEU A 103 -28.89 -7.14 7.41
C LEU A 103 -30.28 -6.97 6.85
N ASN A 104 -30.39 -7.02 5.53
CA ASN A 104 -31.63 -6.72 4.81
C ASN A 104 -32.27 -5.40 5.25
N MET A 105 -31.45 -4.37 5.43
CA MET A 105 -31.96 -3.11 5.90
C MET A 105 -31.49 -2.02 4.98
N ARG A 106 -32.19 -0.89 5.01
CA ARG A 106 -31.89 0.22 4.14
C ARG A 106 -30.92 1.22 4.79
N PRO A 107 -29.76 1.43 4.15
CA PRO A 107 -28.84 2.45 4.60
C PRO A 107 -29.51 3.79 4.40
N ASN A 108 -29.13 4.77 5.22
CA ASN A 108 -29.65 6.13 5.10
C ASN A 108 -29.35 6.76 3.76
N MET A 109 -30.38 6.88 2.93
CA MET A 109 -30.19 7.20 1.54
C MET A 109 -29.70 8.60 1.29
N GLY A 110 -30.16 9.54 2.11
CA GLY A 110 -29.66 10.90 2.05
C GLY A 110 -28.15 10.93 2.26
N LEU A 111 -27.69 10.25 3.31
CA LEU A 111 -26.28 10.19 3.62
C LEU A 111 -25.49 9.49 2.48
N MET A 112 -25.94 8.31 2.06
CA MET A 112 -25.27 7.62 0.98
C MET A 112 -25.08 8.57 -0.22
N TRP A 113 -26.15 9.22 -0.70
CA TRP A 113 -25.98 10.22 -1.79
C TRP A 113 -24.98 11.37 -1.44
N LEU A 114 -25.01 11.83 -0.20
CA LEU A 114 -24.13 12.88 0.23
C LEU A 114 -22.71 12.40 0.06
N SER A 115 -22.42 11.19 0.55
CA SER A 115 -21.07 10.61 0.42
C SER A 115 -20.63 10.50 -1.05
N TRP A 116 -21.54 10.13 -1.92
CA TRP A 116 -21.20 10.05 -3.31
C TRP A 116 -20.81 11.42 -3.84
N TRP A 117 -21.66 12.41 -3.64
CA TRP A 117 -21.38 13.76 -4.17
C TRP A 117 -20.07 14.33 -3.64
N MET A 118 -19.85 14.22 -2.33
CA MET A 118 -18.56 14.57 -1.75
C MET A 118 -17.43 13.94 -2.54
N ALA A 119 -17.45 12.61 -2.67
CA ALA A 119 -16.42 11.92 -3.43
C ALA A 119 -16.28 12.51 -4.85
N PHE A 120 -17.38 12.59 -5.60
CA PHE A 120 -17.34 13.11 -6.97
C PHE A 120 -16.81 14.54 -7.02
N ILE A 121 -17.41 15.41 -6.21
CA ILE A 121 -17.01 16.83 -6.13
C ILE A 121 -15.55 16.99 -5.77
N GLY A 122 -15.14 16.41 -4.64
CA GLY A 122 -13.72 16.45 -4.22
C GLY A 122 -12.76 15.97 -5.31
N LEU A 123 -13.13 14.86 -5.96
CA LEU A 123 -12.35 14.28 -7.03
C LEU A 123 -12.26 15.23 -8.20
N VAL A 124 -13.38 15.76 -8.64
CA VAL A 124 -13.36 16.78 -9.69
C VAL A 124 -12.43 17.97 -9.34
N VAL A 125 -12.58 18.57 -8.16
CA VAL A 125 -11.70 19.70 -7.73
C VAL A 125 -10.20 19.34 -7.69
N ALA A 126 -9.86 18.20 -7.11
CA ALA A 126 -8.46 17.72 -7.06
C ALA A 126 -7.91 17.53 -8.45
N ALA A 127 -8.75 17.01 -9.33
CA ALA A 127 -8.38 16.69 -10.71
C ALA A 127 -7.93 17.93 -11.47
N LEU A 128 -8.66 19.02 -11.32
CA LEU A 128 -8.34 20.23 -12.09
C LEU A 128 -6.84 20.62 -12.04
N PRO A 129 -6.27 20.87 -10.85
CA PRO A 129 -4.82 21.11 -10.73
C PRO A 129 -3.97 19.96 -11.28
N LEU A 130 -4.40 18.73 -11.09
CA LEU A 130 -3.60 17.59 -11.54
C LEU A 130 -3.50 17.64 -13.05
N LEU A 131 -4.62 17.91 -13.72
CA LEU A 131 -4.67 17.90 -15.18
C LEU A 131 -3.96 19.14 -15.67
N ALA A 132 -4.11 20.24 -14.93
CA ALA A 132 -3.42 21.50 -15.26
C ALA A 132 -1.89 21.51 -14.97
N ASN A 133 -1.37 20.44 -14.39
CA ASN A 133 0.07 20.34 -14.06
C ASN A 133 0.47 21.27 -12.93
N GLU A 134 -0.50 21.55 -12.06
CA GLU A 134 -0.26 22.40 -10.87
C GLU A 134 -0.04 21.67 -9.53
N ALA A 135 0.04 20.35 -9.56
CA ALA A 135 0.27 19.59 -8.33
C ALA A 135 1.01 18.29 -8.61
N THR A 136 2.05 18.38 -9.43
CA THR A 136 2.90 17.25 -9.66
C THR A 136 3.82 17.02 -8.45
N VAL A 137 3.19 16.82 -7.30
CA VAL A 137 3.83 16.30 -6.12
C VAL A 137 3.47 14.85 -6.43
N LEU A 138 3.48 13.92 -5.50
CA LEU A 138 2.78 12.65 -5.93
C LEU A 138 1.62 12.29 -5.01
N TRP A 139 1.25 11.01 -4.94
CA TRP A 139 0.14 10.59 -4.10
C TRP A 139 0.52 10.73 -2.64
N THR A 140 1.80 10.89 -2.34
CA THR A 140 2.25 11.11 -0.97
C THR A 140 2.45 12.55 -0.57
N PHE A 141 2.48 13.41 -1.56
CA PHE A 141 2.44 14.84 -1.45
C PHE A 141 3.30 15.36 -0.37
N TYR A 142 4.52 14.90 -0.27
CA TYR A 142 5.40 15.32 0.78
C TYR A 142 5.87 16.73 0.58
N PRO A 143 5.67 17.57 1.57
CA PRO A 143 6.23 18.95 1.63
C PRO A 143 7.75 18.88 1.76
N PRO A 144 8.49 19.86 1.21
CA PRO A 144 8.00 21.13 0.70
C PRO A 144 7.67 21.29 -0.80
N LEU A 145 7.58 20.19 -1.52
CA LEU A 145 7.05 20.23 -2.85
C LEU A 145 5.61 20.64 -2.56
N LYS A 146 5.20 21.75 -3.19
CA LYS A 146 3.95 22.43 -2.83
C LYS A 146 2.93 22.50 -4.00
N GLY A 147 1.83 21.77 -3.85
CA GLY A 147 0.81 21.71 -4.86
C GLY A 147 -0.19 22.84 -4.73
N HIS A 148 -1.01 22.99 -5.75
CA HIS A 148 -2.18 23.91 -5.74
C HIS A 148 -3.16 23.59 -4.62
N TRP A 149 -3.66 24.62 -3.94
CA TRP A 149 -4.63 24.46 -2.84
C TRP A 149 -5.77 23.49 -3.23
N ALA A 150 -6.18 23.53 -4.49
CA ALA A 150 -7.30 22.72 -4.95
C ALA A 150 -6.97 21.22 -4.85
N PHE A 151 -5.71 20.88 -5.09
CA PHE A 151 -5.31 19.50 -4.91
C PHE A 151 -5.54 19.06 -3.47
N TYR A 152 -5.04 19.81 -2.50
CA TYR A 152 -5.19 19.43 -1.08
C TYR A 152 -6.65 19.48 -0.59
N LEU A 153 -7.41 20.42 -1.12
CA LEU A 153 -8.75 20.66 -0.62
C LEU A 153 -9.66 19.58 -1.21
N GLY A 154 -9.48 19.33 -2.52
CA GLY A 154 -10.22 18.31 -3.28
C GLY A 154 -9.95 16.92 -2.72
N ALA A 155 -8.69 16.66 -2.41
CA ALA A 155 -8.31 15.41 -1.76
C ALA A 155 -8.89 15.29 -0.35
N SER A 156 -8.95 16.40 0.39
CA SER A 156 -9.46 16.34 1.76
C SER A 156 -10.93 16.00 1.79
N VAL A 157 -11.69 16.62 0.89
CA VAL A 157 -13.13 16.43 0.85
C VAL A 157 -13.43 15.07 0.30
N PHE A 158 -12.54 14.57 -0.56
CA PHE A 158 -12.67 13.23 -1.15
C PHE A 158 -12.54 12.19 -0.05
N VAL A 159 -11.48 12.30 0.73
CA VAL A 159 -11.24 11.36 1.81
C VAL A 159 -12.33 11.53 2.85
N LEU A 160 -12.72 12.77 3.15
CA LEU A 160 -13.72 12.99 4.20
C LEU A 160 -15.04 12.31 3.85
N SER A 161 -15.31 12.22 2.55
CA SER A 161 -16.48 11.46 2.10
C SER A 161 -16.69 10.17 2.88
N THR A 162 -15.60 9.53 3.31
CA THR A 162 -15.66 8.26 4.06
C THR A 162 -16.20 8.35 5.50
N TRP A 163 -16.11 9.53 6.09
CA TRP A 163 -16.59 9.69 7.45
C TRP A 163 -18.12 9.47 7.42
N VAL A 164 -18.77 10.00 6.40
CA VAL A 164 -20.20 9.72 6.19
C VAL A 164 -20.44 8.21 6.10
N SER A 165 -19.70 7.53 5.24
CA SER A 165 -19.80 6.05 5.14
C SER A 165 -19.69 5.44 6.53
N ILE A 166 -18.75 5.91 7.34
CA ILE A 166 -18.60 5.35 8.68
C ILE A 166 -19.95 5.51 9.41
N TYR A 167 -20.46 6.74 9.47
CA TYR A 167 -21.78 7.00 10.05
C TYR A 167 -22.86 6.03 9.55
N ILE A 168 -22.96 5.90 8.24
CA ILE A 168 -23.98 5.04 7.61
C ILE A 168 -23.93 3.63 8.20
N VAL A 169 -22.74 3.09 8.32
CA VAL A 169 -22.63 1.71 8.72
C VAL A 169 -22.84 1.54 10.22
N LEU A 170 -22.42 2.51 11.01
CA LEU A 170 -22.70 2.45 12.45
C LEU A 170 -24.19 2.58 12.71
N ASP A 171 -24.85 3.44 11.93
CA ASP A 171 -26.29 3.56 11.97
C ASP A 171 -26.94 2.20 11.77
N LEU A 172 -26.77 1.66 10.56
CA LEU A 172 -27.32 0.35 10.21
C LEU A 172 -27.07 -0.62 11.34
N TRP A 173 -25.83 -0.67 11.80
CA TRP A 173 -25.47 -1.55 12.91
C TRP A 173 -26.30 -1.39 14.20
N ARG A 174 -26.34 -0.18 14.74
CA ARG A 174 -27.05 0.05 15.98
C ARG A 174 -28.55 -0.28 15.81
N ARG A 175 -29.14 0.17 14.70
CA ARG A 175 -30.53 -0.16 14.36
C ARG A 175 -30.81 -1.70 14.42
N TRP A 176 -29.88 -2.48 13.91
CA TRP A 176 -30.01 -3.92 13.92
C TRP A 176 -29.91 -4.45 15.33
N LYS A 177 -28.97 -3.92 16.11
CA LYS A 177 -28.83 -4.33 17.49
C LYS A 177 -30.04 -3.98 18.35
N ALA A 178 -30.65 -2.84 18.08
CA ALA A 178 -31.83 -2.39 18.79
C ALA A 178 -33.02 -3.33 18.54
N ALA A 179 -33.21 -3.76 17.31
CA ALA A 179 -34.26 -4.73 16.96
C ALA A 179 -33.87 -6.16 17.35
N ASN A 180 -32.62 -6.36 17.75
CA ASN A 180 -32.10 -7.69 18.03
C ASN A 180 -31.18 -7.65 19.27
N PRO A 181 -31.71 -7.28 20.44
CA PRO A 181 -30.89 -7.22 21.65
C PRO A 181 -30.43 -8.64 21.92
N GLY A 182 -29.27 -8.76 22.58
CA GLY A 182 -28.70 -10.06 22.90
C GLY A 182 -28.42 -10.98 21.74
N LYS A 183 -28.24 -10.43 20.53
CA LYS A 183 -27.69 -11.22 19.40
C LYS A 183 -26.29 -10.70 18.97
N VAL A 184 -25.40 -11.62 18.62
CA VAL A 184 -24.07 -11.28 18.09
C VAL A 184 -24.19 -10.63 16.71
N THR A 185 -23.37 -9.63 16.44
CA THR A 185 -23.33 -9.02 15.12
C THR A 185 -23.10 -10.10 14.06
N PRO A 186 -23.88 -10.05 12.97
CA PRO A 186 -23.65 -10.90 11.79
C PRO A 186 -22.29 -10.68 11.14
N LEU A 187 -21.79 -11.71 10.46
CA LEU A 187 -20.43 -11.70 9.91
C LEU A 187 -20.02 -10.46 9.07
N VAL A 188 -20.66 -10.24 7.93
CA VAL A 188 -20.31 -9.13 7.03
C VAL A 188 -20.38 -7.81 7.76
N THR A 189 -21.49 -7.58 8.45
CA THR A 189 -21.63 -6.39 9.31
C THR A 189 -20.55 -6.21 10.42
N TYR A 190 -20.15 -7.30 11.08
CA TYR A 190 -19.03 -7.26 12.04
C TYR A 190 -17.77 -6.77 11.33
N MET A 191 -17.51 -7.32 10.15
CA MET A 191 -16.38 -6.92 9.35
C MET A 191 -16.49 -5.47 8.94
N ALA A 192 -17.65 -5.08 8.46
CA ALA A 192 -17.85 -3.73 8.01
C ALA A 192 -17.66 -2.69 9.14
N VAL A 193 -18.21 -2.99 10.32
CA VAL A 193 -18.07 -2.14 11.47
C VAL A 193 -16.58 -2.00 11.93
N VAL A 194 -15.90 -3.11 12.20
CA VAL A 194 -14.49 -3.03 12.68
C VAL A 194 -13.63 -2.32 11.64
N PHE A 195 -13.98 -2.52 10.37
CA PHE A 195 -13.31 -1.88 9.27
C PHE A 195 -13.44 -0.36 9.36
N TRP A 196 -14.69 0.11 9.38
CA TRP A 196 -14.92 1.54 9.38
C TRP A 196 -14.38 2.26 10.63
N LEU A 197 -14.54 1.63 11.80
CA LEU A 197 -13.99 2.19 13.03
C LEU A 197 -12.50 2.24 12.92
N MET A 198 -11.89 1.18 12.38
CA MET A 198 -10.44 1.20 12.05
C MET A 198 -10.13 2.39 11.15
N TRP A 199 -10.94 2.58 10.12
CA TRP A 199 -10.65 3.58 9.14
C TRP A 199 -10.77 4.93 9.78
N PHE A 200 -11.60 5.04 10.82
CA PHE A 200 -11.77 6.32 11.46
C PHE A 200 -10.45 6.77 12.13
N LEU A 201 -9.94 5.95 13.06
CA LEU A 201 -8.70 6.28 13.77
C LEU A 201 -7.61 6.57 12.77
N ALA A 202 -7.40 5.62 11.86
CA ALA A 202 -6.43 5.76 10.80
C ALA A 202 -6.54 7.10 10.09
N SER A 203 -7.76 7.44 9.68
CA SER A 203 -7.94 8.63 8.86
C SER A 203 -7.39 9.94 9.53
N LEU A 204 -7.22 9.92 10.86
CA LEU A 204 -7.04 11.17 11.62
C LEU A 204 -5.67 11.78 11.37
N GLY A 205 -4.69 10.92 11.09
CA GLY A 205 -3.36 11.35 10.79
C GLY A 205 -3.35 12.31 9.62
N LEU A 206 -3.85 11.84 8.47
CA LEU A 206 -3.95 12.66 7.27
C LEU A 206 -4.82 13.91 7.46
N VAL A 207 -5.94 13.76 8.14
CA VAL A 207 -6.90 14.86 8.35
C VAL A 207 -6.23 15.93 9.13
N LEU A 208 -5.61 15.53 10.25
CA LEU A 208 -4.76 16.42 11.00
C LEU A 208 -3.74 17.11 10.10
N GLU A 209 -3.05 16.34 9.26
CA GLU A 209 -2.01 16.89 8.41
C GLU A 209 -2.57 17.95 7.48
N ALA A 210 -3.72 17.65 6.88
CA ALA A 210 -4.30 18.56 5.88
C ALA A 210 -4.79 19.86 6.54
N VAL A 211 -5.41 19.74 7.72
CA VAL A 211 -6.09 20.85 8.36
C VAL A 211 -5.08 21.76 9.08
N LEU A 212 -4.18 21.18 9.86
CA LEU A 212 -3.17 21.94 10.60
C LEU A 212 -2.02 22.48 9.75
N PHE A 213 -1.68 21.78 8.66
CA PHE A 213 -0.52 22.15 7.87
C PHE A 213 -0.80 22.41 6.39
N LEU A 214 -1.26 21.40 5.68
CA LEU A 214 -1.33 21.46 4.23
C LEU A 214 -2.25 22.51 3.66
N LEU A 215 -3.47 22.59 4.18
CA LEU A 215 -4.45 23.61 3.72
C LEU A 215 -4.01 25.07 4.03
N PRO A 216 -3.82 25.43 5.31
CA PRO A 216 -3.34 26.78 5.61
C PRO A 216 -2.13 27.09 4.73
N TRP A 217 -1.18 26.17 4.69
CA TRP A 217 0.02 26.33 3.87
C TRP A 217 -0.29 26.63 2.42
N SER A 218 -1.14 25.81 1.80
CA SER A 218 -1.39 25.95 0.36
C SER A 218 -2.26 27.17 0.06
N PHE A 219 -2.94 27.66 1.10
CA PHE A 219 -3.78 28.83 0.99
C PHE A 219 -2.94 30.07 1.21
N GLY A 220 -1.70 29.89 1.67
CA GLY A 220 -0.81 31.04 1.92
C GLY A 220 -0.92 31.58 3.33
N LEU A 221 -1.56 30.83 4.22
CA LEU A 221 -1.75 31.26 5.58
C LEU A 221 -0.53 31.11 6.47
N VAL A 222 0.41 30.27 6.06
CA VAL A 222 1.65 30.08 6.80
C VAL A 222 2.72 29.99 5.75
N GLU A 223 3.95 30.38 6.08
CA GLU A 223 5.05 30.35 5.11
C GLU A 223 5.56 28.93 4.75
N GLY A 224 5.52 28.03 5.71
CA GLY A 224 6.01 26.71 5.46
C GLY A 224 5.48 25.67 6.38
N VAL A 225 5.83 24.42 6.06
CA VAL A 225 5.45 23.27 6.86
C VAL A 225 6.70 22.53 7.31
N ASP A 226 6.68 21.96 8.51
CA ASP A 226 7.71 21.01 8.92
C ASP A 226 7.62 19.64 8.24
N PRO A 227 8.51 19.39 7.27
CA PRO A 227 8.57 18.13 6.51
C PRO A 227 8.35 16.87 7.33
N LEU A 228 9.16 16.71 8.39
CA LEU A 228 9.09 15.57 9.30
C LEU A 228 7.72 15.35 9.98
N VAL A 229 7.12 16.42 10.52
CA VAL A 229 5.75 16.33 11.08
C VAL A 229 4.72 15.91 9.98
N ALA A 230 4.81 16.54 8.81
CA ALA A 230 4.00 16.20 7.68
C ALA A 230 4.05 14.69 7.39
N ARG A 231 5.28 14.18 7.24
CA ARG A 231 5.50 12.77 6.94
C ARG A 231 5.00 11.88 8.07
N THR A 232 5.23 12.27 9.32
CA THR A 232 4.75 11.49 10.45
C THR A 232 3.24 11.44 10.54
N LEU A 233 2.59 12.57 10.33
CA LEU A 233 1.14 12.58 10.26
C LEU A 233 0.65 11.81 9.06
N PHE A 234 1.27 12.08 7.91
CA PHE A 234 0.90 11.34 6.70
C PHE A 234 0.89 9.82 6.89
N TRP A 235 1.97 9.26 7.42
CA TRP A 235 2.11 7.81 7.55
C TRP A 235 1.31 7.22 8.70
N TRP A 236 0.81 8.08 9.59
CA TRP A 236 -0.22 7.67 10.49
C TRP A 236 -1.38 7.09 9.60
N THR A 237 -1.94 7.91 8.72
CA THR A 237 -2.99 7.42 7.80
C THR A 237 -2.43 6.41 6.80
N GLY A 238 -1.26 6.73 6.27
CA GLY A 238 -0.68 6.05 5.12
C GLY A 238 -0.50 4.55 5.15
N HIS A 239 -0.25 3.99 6.33
CA HIS A 239 -0.31 2.56 6.41
C HIS A 239 -1.73 1.91 6.43
N PRO A 240 -2.52 2.19 7.48
CA PRO A 240 -3.86 1.61 7.57
C PRO A 240 -4.68 1.81 6.28
N ILE A 241 -4.32 2.79 5.45
CA ILE A 241 -5.01 3.02 4.19
C ILE A 241 -4.96 1.76 3.31
N VAL A 242 -3.83 1.06 3.36
CA VAL A 242 -3.63 -0.13 2.53
C VAL A 242 -4.51 -1.23 3.06
N TYR A 243 -4.68 -1.28 4.37
CA TYR A 243 -5.68 -2.19 4.97
C TYR A 243 -7.12 -1.79 4.66
N PHE A 244 -7.33 -0.47 4.52
CA PHE A 244 -8.60 0.07 4.19
C PHE A 244 -8.85 -0.31 2.75
N TRP A 245 -7.79 -0.44 1.95
CA TRP A 245 -7.96 -0.87 0.56
C TRP A 245 -8.23 -2.36 0.52
N LEU A 246 -7.51 -3.11 1.36
CA LEU A 246 -7.54 -4.57 1.34
C LEU A 246 -8.82 -5.19 1.89
N LEU A 247 -9.38 -4.62 2.95
CA LEU A 247 -10.44 -5.31 3.64
C LEU A 247 -11.74 -5.54 2.82
N PRO A 248 -12.06 -4.62 1.90
CA PRO A 248 -13.20 -4.82 1.02
C PRO A 248 -13.03 -6.13 0.24
N ALA A 249 -11.86 -6.32 -0.35
CA ALA A 249 -11.48 -7.61 -0.97
C ALA A 249 -11.60 -8.82 -0.03
N TYR A 250 -11.21 -8.65 1.24
CA TYR A 250 -11.21 -9.78 2.18
C TYR A 250 -12.63 -10.16 2.57
N ALA A 251 -13.45 -9.15 2.85
CA ALA A 251 -14.86 -9.36 3.04
C ALA A 251 -15.41 -10.28 1.92
N ILE A 252 -15.16 -9.93 0.66
CA ILE A 252 -15.62 -10.73 -0.47
C ILE A 252 -14.97 -12.11 -0.48
N ILE A 253 -13.64 -12.13 -0.44
CA ILE A 253 -12.88 -13.40 -0.34
C ILE A 253 -13.40 -14.35 0.76
N TYR A 254 -13.84 -13.79 1.88
CA TYR A 254 -14.32 -14.57 3.02
C TYR A 254 -15.81 -14.96 2.99
N THR A 255 -16.66 -14.03 2.56
CA THR A 255 -18.09 -14.20 2.70
C THR A 255 -18.78 -14.49 1.38
N ILE A 256 -18.04 -14.36 0.28
CA ILE A 256 -18.61 -14.63 -1.04
C ILE A 256 -17.89 -15.69 -1.85
N LEU A 257 -16.58 -15.52 -2.03
CA LEU A 257 -15.76 -16.47 -2.80
C LEU A 257 -16.01 -17.96 -2.49
N PRO A 258 -16.09 -18.35 -1.22
CA PRO A 258 -16.44 -19.73 -0.89
C PRO A 258 -17.74 -20.26 -1.55
N LYS A 259 -18.74 -19.40 -1.73
CA LYS A 259 -19.92 -19.78 -2.51
C LYS A 259 -19.47 -19.95 -3.97
N GLN A 260 -18.80 -18.94 -4.52
CA GLN A 260 -18.37 -19.00 -5.90
C GLN A 260 -17.54 -20.25 -6.20
N ALA A 261 -16.69 -20.65 -5.26
CA ALA A 261 -15.80 -21.80 -5.45
C ALA A 261 -16.52 -23.12 -5.32
N GLY A 262 -17.66 -23.11 -4.63
CA GLY A 262 -18.53 -24.28 -4.57
C GLY A 262 -18.49 -24.93 -3.20
N GLY A 263 -18.16 -24.13 -2.18
CA GLY A 263 -18.04 -24.63 -0.82
C GLY A 263 -18.63 -23.69 0.22
N LYS A 264 -17.96 -23.60 1.36
CA LYS A 264 -18.47 -22.83 2.48
C LYS A 264 -17.28 -22.22 3.19
N LEU A 265 -17.53 -21.15 3.95
CA LEU A 265 -16.48 -20.54 4.77
C LEU A 265 -16.25 -21.49 5.93
N VAL A 266 -15.01 -21.90 6.16
CA VAL A 266 -14.73 -22.97 7.15
C VAL A 266 -14.70 -22.48 8.58
N SER A 267 -14.77 -21.16 8.77
CA SER A 267 -14.84 -20.59 10.11
C SER A 267 -15.25 -19.10 10.14
N ASP A 268 -16.43 -18.81 10.69
CA ASP A 268 -16.83 -17.44 10.98
C ASP A 268 -15.92 -16.77 12.08
N PRO A 269 -15.61 -17.50 13.19
CA PRO A 269 -14.79 -16.92 14.27
C PRO A 269 -13.40 -16.53 13.81
N MET A 270 -12.74 -17.43 13.08
CA MET A 270 -11.47 -17.10 12.44
C MET A 270 -11.57 -15.83 11.58
N ALA A 271 -12.61 -15.75 10.76
CA ALA A 271 -12.84 -14.59 9.93
C ALA A 271 -12.96 -13.33 10.80
N ARG A 272 -13.81 -13.39 11.82
CA ARG A 272 -13.94 -12.28 12.77
C ARG A 272 -12.62 -11.93 13.42
N LEU A 273 -11.85 -12.94 13.82
CA LEU A 273 -10.58 -12.71 14.48
C LEU A 273 -9.64 -11.90 13.64
N ALA A 274 -9.48 -12.28 12.38
CA ALA A 274 -8.61 -11.56 11.45
C ALA A 274 -9.04 -10.10 11.38
N PHE A 275 -10.32 -9.86 11.14
CA PHE A 275 -10.78 -8.47 11.10
C PHE A 275 -10.45 -7.76 12.40
N LEU A 276 -10.80 -8.39 13.52
CA LEU A 276 -10.60 -7.77 14.80
C LEU A 276 -9.13 -7.33 14.90
N LEU A 277 -8.19 -8.24 14.63
CA LEU A 277 -6.77 -7.91 14.63
C LEU A 277 -6.40 -6.69 13.79
N PHE A 278 -7.10 -6.47 12.68
CA PHE A 278 -6.81 -5.34 11.82
C PHE A 278 -7.27 -4.04 12.45
N LEU A 279 -8.40 -4.09 13.16
CA LEU A 279 -8.86 -2.93 13.93
C LEU A 279 -7.77 -2.53 14.95
N LEU A 280 -7.29 -3.51 15.71
CA LEU A 280 -6.31 -3.26 16.72
C LEU A 280 -4.97 -2.90 16.15
N LEU A 281 -4.55 -3.56 15.07
CA LEU A 281 -3.15 -3.43 14.62
C LEU A 281 -2.81 -2.66 13.34
N SER A 282 -3.81 -2.26 12.54
CA SER A 282 -3.56 -1.51 11.28
C SER A 282 -2.98 -0.09 11.41
N THR A 283 -3.14 0.55 12.55
CA THR A 283 -2.76 1.98 12.68
C THR A 283 -1.44 2.41 13.41
N PRO A 284 -1.04 1.66 14.45
CA PRO A 284 0.15 2.05 15.24
C PRO A 284 1.49 1.65 14.62
N VAL A 285 1.59 1.66 13.29
CA VAL A 285 2.73 0.99 12.62
C VAL A 285 3.55 1.87 11.65
N GLY A 286 3.04 3.08 11.38
CA GLY A 286 3.54 3.95 10.30
C GLY A 286 5.04 4.24 10.22
N PHE A 287 5.77 4.06 11.32
CA PHE A 287 7.20 4.39 11.29
C PHE A 287 7.92 3.48 10.30
N HIS A 288 7.27 2.37 9.94
CA HIS A 288 7.83 1.43 8.98
C HIS A 288 7.91 2.03 7.59
N HIS A 289 7.37 3.24 7.44
CA HIS A 289 7.53 4.04 6.25
C HIS A 289 8.48 5.19 6.53
N GLN A 290 9.03 5.19 7.73
CA GLN A 290 9.91 6.28 8.17
C GLN A 290 11.19 5.76 8.75
N PHE A 291 11.56 4.53 8.38
CA PHE A 291 12.82 3.91 8.78
C PHE A 291 14.06 4.70 8.38
N ALA A 292 13.96 5.44 7.28
CA ALA A 292 15.08 6.21 6.79
C ALA A 292 14.96 7.69 7.15
N ASP A 293 14.04 8.01 8.06
CA ASP A 293 13.77 9.41 8.44
C ASP A 293 14.65 9.84 9.62
N PRO A 294 15.16 11.07 9.57
CA PRO A 294 15.91 11.64 10.71
C PRO A 294 14.91 12.03 11.82
N GLY A 295 15.40 12.29 13.02
CA GLY A 295 14.55 12.84 14.09
C GLY A 295 13.48 11.92 14.64
N ILE A 296 13.55 10.64 14.30
CA ILE A 296 12.67 9.68 14.89
C ILE A 296 13.47 8.60 15.61
N ASP A 297 13.28 8.51 16.92
CA ASP A 297 14.06 7.62 17.74
C ASP A 297 14.04 6.16 17.28
N PRO A 298 15.22 5.53 17.23
CA PRO A 298 15.36 4.13 16.86
C PRO A 298 14.60 3.13 17.70
N THR A 299 14.29 3.47 18.95
CA THR A 299 13.58 2.55 19.81
C THR A 299 12.16 2.55 19.30
N TRP A 300 11.67 3.71 18.86
CA TRP A 300 10.34 3.78 18.28
C TRP A 300 10.26 3.07 16.95
N LYS A 301 11.34 3.08 16.19
CA LYS A 301 11.34 2.40 14.91
C LYS A 301 11.21 0.90 15.15
N MET A 302 11.94 0.39 16.13
CA MET A 302 11.89 -1.02 16.48
C MET A 302 10.55 -1.46 17.03
N ILE A 303 9.89 -0.61 17.81
CA ILE A 303 8.61 -0.91 18.39
C ILE A 303 7.60 -1.09 17.25
N HIS A 304 7.52 -0.05 16.41
CA HIS A 304 6.69 -0.05 15.23
C HIS A 304 6.98 -1.22 14.29
N SER A 305 8.24 -1.61 14.17
CA SER A 305 8.58 -2.75 13.34
C SER A 305 7.93 -4.02 13.90
N VAL A 306 8.08 -4.26 15.20
CA VAL A 306 7.52 -5.42 15.88
C VAL A 306 5.99 -5.46 15.66
N LEU A 307 5.36 -4.29 15.77
CA LEU A 307 3.92 -4.21 15.62
C LEU A 307 3.53 -4.50 14.17
N THR A 308 4.40 -4.10 13.25
CA THR A 308 4.15 -4.35 11.85
C THR A 308 4.21 -5.85 11.61
N LEU A 309 5.18 -6.55 12.22
CA LEU A 309 5.23 -8.02 12.05
C LEU A 309 3.97 -8.68 12.62
N PHE A 310 3.32 -8.02 13.57
CA PHE A 310 2.15 -8.55 14.18
C PHE A 310 0.99 -8.41 13.23
N VAL A 311 0.90 -7.26 12.56
CA VAL A 311 -0.23 -7.02 11.65
C VAL A 311 -0.14 -7.96 10.44
N ALA A 312 1.00 -8.61 10.27
CA ALA A 312 1.11 -9.65 9.29
C ALA A 312 0.21 -10.82 9.68
N VAL A 313 -0.01 -10.97 10.99
CA VAL A 313 -0.63 -12.18 11.55
C VAL A 313 -2.03 -12.47 11.00
N PRO A 314 -2.91 -11.46 10.96
CA PRO A 314 -4.27 -11.67 10.42
C PRO A 314 -4.31 -12.11 8.95
N SER A 315 -3.34 -11.69 8.14
CA SER A 315 -3.22 -12.26 6.79
C SER A 315 -2.57 -13.65 6.78
N LEU A 316 -1.64 -13.88 7.70
CA LEU A 316 -1.13 -15.24 7.88
C LEU A 316 -2.32 -16.18 8.20
N MET A 317 -3.13 -15.75 9.16
CA MET A 317 -4.39 -16.41 9.45
C MET A 317 -5.22 -16.56 8.18
N THR A 318 -5.58 -15.44 7.57
CA THR A 318 -6.41 -15.44 6.33
C THR A 318 -5.97 -16.49 5.30
N ALA A 319 -4.67 -16.49 5.00
CA ALA A 319 -4.07 -17.50 4.10
C ALA A 319 -4.64 -18.86 4.40
N PHE A 320 -4.53 -19.30 5.65
CA PHE A 320 -5.00 -20.62 6.04
C PHE A 320 -6.50 -20.75 6.01
N THR A 321 -7.22 -19.80 6.61
CA THR A 321 -8.68 -19.89 6.61
C THR A 321 -9.17 -20.00 5.19
N VAL A 322 -8.69 -19.11 4.32
CA VAL A 322 -9.14 -19.10 2.93
C VAL A 322 -8.67 -20.33 2.13
N ALA A 323 -7.40 -20.71 2.28
CA ALA A 323 -6.90 -21.88 1.54
C ALA A 323 -7.74 -23.09 1.89
N ALA A 324 -8.00 -23.27 3.19
CA ALA A 324 -8.80 -24.38 3.67
C ALA A 324 -10.23 -24.35 3.12
N SER A 325 -10.76 -23.15 2.89
CA SER A 325 -12.11 -23.06 2.32
C SER A 325 -12.13 -23.42 0.85
N LEU A 326 -11.07 -23.05 0.14
CA LEU A 326 -11.01 -23.35 -1.25
C LEU A 326 -10.82 -24.84 -1.44
N GLU A 327 -10.08 -25.46 -0.52
CA GLU A 327 -9.78 -26.90 -0.57
C GLU A 327 -11.06 -27.65 -0.34
N PHE A 328 -11.82 -27.18 0.66
CA PHE A 328 -13.10 -27.75 0.97
C PHE A 328 -14.07 -27.71 -0.23
N ALA A 329 -14.30 -26.53 -0.80
CA ALA A 329 -15.01 -26.40 -2.09
C ALA A 329 -14.50 -27.38 -3.14
N GLY A 330 -13.19 -27.41 -3.35
CA GLY A 330 -12.59 -28.34 -4.33
C GLY A 330 -12.85 -29.83 -4.07
N ARG A 331 -12.86 -30.20 -2.78
CA ARG A 331 -13.18 -31.55 -2.37
C ARG A 331 -14.66 -31.87 -2.58
N LEU A 332 -15.52 -30.93 -2.21
CA LEU A 332 -16.94 -31.07 -2.44
C LEU A 332 -17.26 -31.37 -3.93
N ARG A 333 -16.52 -30.74 -4.85
CA ARG A 333 -16.73 -30.94 -6.29
C ARG A 333 -15.93 -32.09 -6.91
N GLY A 334 -15.49 -33.01 -6.07
CA GLY A 334 -14.95 -34.28 -6.54
C GLY A 334 -13.46 -34.44 -6.53
N GLY A 335 -12.73 -33.33 -6.47
CA GLY A 335 -11.26 -33.36 -6.54
C GLY A 335 -10.60 -34.18 -5.45
N ARG A 336 -9.64 -35.02 -5.84
CA ARG A 336 -8.90 -35.87 -4.89
C ARG A 336 -7.38 -35.74 -5.06
N GLY A 337 -6.64 -36.07 -4.00
CA GLY A 337 -5.20 -35.93 -4.00
C GLY A 337 -4.70 -34.72 -3.25
N LEU A 338 -3.48 -34.31 -3.57
CA LEU A 338 -2.83 -33.15 -2.95
C LEU A 338 -3.14 -31.91 -3.80
N PHE A 339 -3.36 -32.15 -5.11
CA PHE A 339 -3.56 -31.10 -6.13
C PHE A 339 -4.95 -31.18 -6.79
N GLY A 340 -5.71 -32.22 -6.49
CA GLY A 340 -6.96 -32.49 -7.21
C GLY A 340 -8.03 -31.46 -6.94
N TRP A 341 -8.10 -30.99 -5.68
CA TRP A 341 -9.08 -29.97 -5.27
C TRP A 341 -8.88 -28.66 -6.03
N ILE A 342 -7.67 -28.44 -6.55
CA ILE A 342 -7.38 -27.21 -7.27
C ILE A 342 -8.11 -27.28 -8.62
N ARG A 343 -7.93 -28.37 -9.36
CA ARG A 343 -8.54 -28.44 -10.71
C ARG A 343 -10.06 -28.49 -10.63
N ALA A 344 -10.56 -28.99 -9.50
CA ALA A 344 -11.95 -29.21 -9.34
C ALA A 344 -12.75 -27.86 -9.23
N LEU A 345 -12.06 -26.77 -8.92
CA LEU A 345 -12.70 -25.46 -8.67
C LEU A 345 -13.23 -24.86 -9.96
N PRO A 346 -14.13 -23.87 -9.87
CA PRO A 346 -14.77 -23.28 -11.05
C PRO A 346 -13.86 -22.31 -11.83
N TRP A 347 -12.77 -22.84 -12.36
CA TRP A 347 -11.85 -22.09 -13.18
C TRP A 347 -12.41 -21.45 -14.44
N ASP A 348 -13.65 -21.79 -14.79
CA ASP A 348 -14.33 -21.15 -15.92
C ASP A 348 -15.02 -19.83 -15.51
N ASN A 349 -15.04 -19.56 -14.21
CA ASN A 349 -15.81 -18.44 -13.64
C ASN A 349 -14.92 -17.26 -13.21
N PRO A 350 -14.98 -16.17 -13.97
CA PRO A 350 -14.08 -15.03 -13.71
C PRO A 350 -14.19 -14.49 -12.27
N ALA A 351 -15.37 -14.58 -11.66
CA ALA A 351 -15.55 -14.07 -10.31
C ALA A 351 -14.83 -14.93 -9.27
N PHE A 352 -14.59 -16.20 -9.58
CA PHE A 352 -13.81 -17.05 -8.71
C PHE A 352 -12.35 -16.86 -9.04
N VAL A 353 -12.04 -16.83 -10.34
CA VAL A 353 -10.66 -16.79 -10.78
C VAL A 353 -9.95 -15.52 -10.29
N ALA A 354 -10.56 -14.37 -10.52
CA ALA A 354 -9.89 -13.10 -10.32
C ALA A 354 -9.26 -13.01 -8.89
N PRO A 355 -10.09 -13.14 -7.84
CA PRO A 355 -9.60 -13.24 -6.44
C PRO A 355 -8.54 -14.32 -6.14
N VAL A 356 -8.79 -15.55 -6.58
CA VAL A 356 -7.84 -16.63 -6.32
C VAL A 356 -6.48 -16.31 -6.93
N LEU A 357 -6.48 -15.82 -8.16
CA LEU A 357 -5.23 -15.45 -8.74
C LEU A 357 -4.61 -14.32 -7.92
N GLY A 358 -5.43 -13.35 -7.54
CA GLY A 358 -4.97 -12.27 -6.67
C GLY A 358 -4.24 -12.82 -5.45
N LEU A 359 -4.82 -13.84 -4.82
CA LEU A 359 -4.23 -14.47 -3.63
C LEU A 359 -2.92 -15.16 -3.92
N LEU A 360 -2.78 -15.69 -5.13
CA LEU A 360 -1.54 -16.33 -5.48
C LEU A 360 -0.40 -15.30 -5.46
N GLY A 361 -0.65 -14.17 -6.10
CA GLY A 361 0.34 -13.09 -6.15
C GLY A 361 0.61 -12.52 -4.79
N PHE A 362 -0.36 -12.67 -3.89
CA PHE A 362 -0.26 -12.13 -2.56
C PHE A 362 0.77 -12.88 -1.70
N ILE A 363 1.23 -14.04 -2.18
CA ILE A 363 2.20 -14.82 -1.43
C ILE A 363 3.54 -14.07 -1.46
N PRO A 364 4.14 -13.88 -2.64
CA PRO A 364 5.33 -13.02 -2.74
C PRO A 364 5.06 -11.55 -2.29
N GLY A 365 3.81 -11.12 -2.37
CA GLY A 365 3.45 -9.78 -1.94
C GLY A 365 3.72 -9.58 -0.46
N GLY A 366 3.08 -10.41 0.35
CA GLY A 366 3.22 -10.36 1.80
C GLY A 366 4.67 -10.59 2.18
N ALA A 367 5.35 -11.46 1.43
CA ALA A 367 6.74 -11.77 1.68
C ALA A 367 7.59 -10.48 1.56
N GLY A 368 7.34 -9.69 0.51
CA GLY A 368 8.01 -8.40 0.36
C GLY A 368 7.70 -7.48 1.52
N GLY A 369 6.40 -7.37 1.85
CA GLY A 369 5.95 -6.59 3.01
C GLY A 369 6.74 -6.94 4.25
N ILE A 370 6.78 -8.23 4.58
CA ILE A 370 7.54 -8.71 5.71
C ILE A 370 9.01 -8.23 5.75
N VAL A 371 9.71 -8.36 4.63
CA VAL A 371 11.07 -7.80 4.54
C VAL A 371 11.00 -6.29 4.88
N ASN A 372 10.15 -5.54 4.18
CA ASN A 372 10.07 -4.08 4.37
C ASN A 372 9.96 -3.75 5.85
N ALA A 373 9.16 -4.55 6.56
CA ALA A 373 8.89 -4.29 7.97
C ALA A 373 10.10 -4.40 8.88
N SER A 374 11.14 -5.04 8.44
CA SER A 374 12.19 -5.39 9.33
C SER A 374 13.16 -4.31 9.28
N PHE A 375 13.43 -3.67 10.35
CA PHE A 375 13.85 -2.31 10.39
C PHE A 375 15.08 -1.98 9.54
N THR A 376 16.16 -2.68 9.75
CA THR A 376 17.42 -2.54 9.06
C THR A 376 17.40 -3.16 7.68
N LEU A 377 16.63 -4.22 7.50
CA LEU A 377 16.41 -4.81 6.16
C LEU A 377 15.80 -3.81 5.18
N ASP A 378 14.99 -2.89 5.71
CA ASP A 378 14.43 -1.83 4.89
C ASP A 378 15.50 -0.97 4.16
N TYR A 379 16.71 -0.91 4.71
CA TYR A 379 17.76 -0.10 4.11
C TYR A 379 18.29 -0.70 2.82
N VAL A 380 18.01 -1.99 2.62
CA VAL A 380 18.35 -2.62 1.38
C VAL A 380 17.41 -2.16 0.26
N VAL A 381 16.11 -2.10 0.53
CA VAL A 381 15.09 -1.92 -0.49
C VAL A 381 14.43 -0.52 -0.51
N HIS A 382 14.55 0.22 0.59
CA HIS A 382 13.81 1.47 0.73
C HIS A 382 13.95 2.34 -0.49
N ASN A 383 12.84 2.85 -1.00
CA ASN A 383 12.89 3.84 -2.08
C ASN A 383 13.44 3.32 -3.43
N THR A 384 13.62 1.99 -3.52
CA THR A 384 13.94 1.35 -4.76
C THR A 384 12.67 0.77 -5.46
N ALA A 385 12.87 0.22 -6.67
CA ALA A 385 11.79 -0.40 -7.43
C ALA A 385 11.19 -1.63 -6.73
N TRP A 386 11.92 -2.13 -5.74
CA TRP A 386 11.40 -3.20 -4.91
C TRP A 386 10.02 -2.81 -4.30
N VAL A 387 9.90 -1.59 -3.76
CA VAL A 387 8.65 -1.17 -3.09
C VAL A 387 7.44 -1.28 -4.05
N PRO A 388 7.52 -0.64 -5.22
CA PRO A 388 6.48 -0.81 -6.25
C PRO A 388 6.24 -2.26 -6.59
N GLY A 389 7.31 -3.05 -6.52
CA GLY A 389 7.22 -4.51 -6.74
C GLY A 389 6.34 -5.11 -5.68
N HIS A 390 6.50 -4.68 -4.44
CA HIS A 390 5.71 -5.23 -3.39
C HIS A 390 4.26 -4.82 -3.54
N PHE A 391 4.00 -3.54 -3.71
CA PHE A 391 2.60 -3.11 -3.70
C PHE A 391 1.71 -3.46 -4.91
N HIS A 392 2.26 -3.44 -6.12
CA HIS A 392 1.51 -3.95 -7.26
C HIS A 392 1.00 -5.36 -7.01
N LEU A 393 1.78 -6.16 -6.28
CA LEU A 393 1.32 -7.49 -5.93
C LEU A 393 0.09 -7.38 -5.04
N GLN A 394 0.16 -6.50 -4.05
CA GLN A 394 -0.94 -6.35 -3.09
C GLN A 394 -2.17 -5.62 -3.63
N VAL A 395 -1.99 -4.43 -4.18
CA VAL A 395 -3.16 -3.59 -4.51
C VAL A 395 -3.57 -3.57 -6.01
N ALA A 396 -2.58 -3.44 -6.89
CA ALA A 396 -2.80 -3.46 -8.31
C ALA A 396 -3.20 -4.84 -8.74
N SER A 397 -2.82 -5.84 -7.95
CA SER A 397 -3.17 -7.21 -8.25
C SER A 397 -4.34 -7.69 -7.37
N LEU A 398 -4.08 -8.07 -6.11
CA LEU A 398 -5.16 -8.66 -5.31
C LEU A 398 -6.44 -7.80 -5.23
N VAL A 399 -6.31 -6.56 -4.77
CA VAL A 399 -7.48 -5.72 -4.63
C VAL A 399 -8.11 -5.50 -5.99
N THR A 400 -7.32 -5.08 -6.96
CA THR A 400 -7.85 -4.79 -8.28
C THR A 400 -8.57 -5.98 -8.91
N LEU A 401 -7.95 -7.15 -8.86
CA LEU A 401 -8.56 -8.33 -9.45
C LEU A 401 -9.86 -8.68 -8.73
N THR A 402 -9.87 -8.52 -7.42
CA THR A 402 -11.06 -8.82 -6.68
C THR A 402 -12.20 -7.89 -7.13
N ALA A 403 -11.86 -6.62 -7.30
CA ALA A 403 -12.81 -5.65 -7.78
C ALA A 403 -13.27 -5.99 -9.20
N MET A 404 -12.33 -6.39 -10.04
CA MET A 404 -12.66 -6.80 -11.40
C MET A 404 -13.63 -7.96 -11.44
N GLY A 405 -13.40 -8.97 -10.62
CA GLY A 405 -14.25 -10.15 -10.61
C GLY A 405 -15.64 -9.88 -10.05
N SER A 406 -15.81 -8.72 -9.41
CA SER A 406 -17.13 -8.35 -8.87
C SER A 406 -18.08 -7.83 -9.97
N LEU A 407 -17.52 -7.28 -11.02
CA LEU A 407 -18.28 -7.02 -12.21
C LEU A 407 -19.19 -8.17 -12.56
N TYR A 408 -18.69 -9.39 -12.48
N TYR A 408 -18.67 -9.39 -12.50
CA TYR A 408 -19.42 -10.55 -13.00
CA TYR A 408 -19.40 -10.56 -12.99
C TYR A 408 -20.52 -11.11 -12.07
C TYR A 408 -20.63 -10.94 -12.13
N TRP A 409 -20.60 -10.58 -10.85
CA TRP A 409 -21.71 -10.91 -9.94
C TRP A 409 -22.40 -9.67 -9.33
N LEU A 410 -21.64 -8.61 -9.11
CA LEU A 410 -22.21 -7.41 -8.53
C LEU A 410 -22.95 -6.56 -9.56
N LEU A 411 -22.31 -6.28 -10.69
CA LEU A 411 -22.97 -5.53 -11.76
C LEU A 411 -24.35 -6.05 -12.03
N PRO A 412 -24.49 -7.34 -12.37
CA PRO A 412 -25.81 -7.89 -12.65
C PRO A 412 -26.72 -7.71 -11.46
N ASN A 413 -26.20 -7.95 -10.25
CA ASN A 413 -27.00 -7.75 -9.05
C ASN A 413 -27.48 -6.30 -8.90
N LEU A 414 -26.74 -5.35 -9.45
CA LEU A 414 -27.06 -3.97 -9.24
C LEU A 414 -27.85 -3.38 -10.39
N THR A 415 -27.78 -4.01 -11.56
CA THR A 415 -28.36 -3.43 -12.75
C THR A 415 -29.42 -4.29 -13.44
N GLY A 416 -29.40 -5.58 -13.16
CA GLY A 416 -30.17 -6.54 -13.94
C GLY A 416 -29.59 -6.74 -15.34
N LYS A 417 -28.43 -6.15 -15.59
CA LYS A 417 -27.76 -6.36 -16.86
C LYS A 417 -27.05 -7.74 -16.82
N PRO A 418 -27.34 -8.59 -17.81
CA PRO A 418 -26.80 -9.96 -17.82
C PRO A 418 -25.40 -10.07 -18.44
N ILE A 419 -24.62 -11.03 -17.99
CA ILE A 419 -23.29 -11.29 -18.58
C ILE A 419 -23.42 -12.43 -19.60
N SER A 420 -23.16 -12.12 -20.86
CA SER A 420 -23.17 -13.16 -21.90
C SER A 420 -22.02 -14.13 -21.72
N ASP A 421 -22.18 -15.30 -22.33
CA ASP A 421 -21.12 -16.27 -22.35
C ASP A 421 -19.83 -15.63 -22.91
N ALA A 422 -19.97 -14.84 -23.96
CA ALA A 422 -18.85 -14.18 -24.59
C ALA A 422 -18.18 -13.22 -23.63
N GLN A 423 -18.97 -12.40 -22.96
CA GLN A 423 -18.46 -11.47 -21.94
C GLN A 423 -17.64 -12.20 -20.86
N ARG A 424 -18.11 -13.39 -20.46
CA ARG A 424 -17.46 -14.16 -19.42
C ARG A 424 -16.07 -14.62 -19.86
N ARG A 425 -15.99 -15.07 -21.11
CA ARG A 425 -14.74 -15.52 -21.66
C ARG A 425 -13.73 -14.38 -21.72
N LEU A 426 -14.19 -13.19 -22.06
CA LEU A 426 -13.32 -12.02 -22.09
C LEU A 426 -12.89 -11.65 -20.65
N GLY A 427 -13.80 -11.81 -19.71
CA GLY A 427 -13.51 -11.56 -18.31
C GLY A 427 -12.37 -12.42 -17.86
N LEU A 428 -12.46 -13.72 -18.15
CA LEU A 428 -11.35 -14.66 -17.92
C LEU A 428 -10.03 -14.19 -18.53
N ALA A 429 -10.07 -13.79 -19.80
CA ALA A 429 -8.85 -13.30 -20.48
C ALA A 429 -8.27 -12.10 -19.74
N VAL A 430 -9.14 -11.15 -19.41
CA VAL A 430 -8.72 -9.91 -18.76
C VAL A 430 -8.06 -10.20 -17.41
N VAL A 431 -8.75 -11.01 -16.62
CA VAL A 431 -8.28 -11.40 -15.32
C VAL A 431 -6.91 -12.06 -15.39
N TRP A 432 -6.75 -13.10 -16.22
CA TRP A 432 -5.45 -13.80 -16.41
C TRP A 432 -4.29 -12.94 -16.92
N LEU A 433 -4.57 -12.13 -17.94
CA LEU A 433 -3.55 -11.27 -18.51
C LEU A 433 -3.09 -10.21 -17.47
N TRP A 434 -4.04 -9.68 -16.72
CA TRP A 434 -3.74 -8.71 -15.70
C TRP A 434 -2.92 -9.40 -14.64
N PHE A 435 -3.40 -10.54 -14.14
CA PHE A 435 -2.64 -11.26 -13.17
C PHE A 435 -1.23 -11.49 -13.67
N LEU A 436 -1.12 -12.09 -14.85
CA LEU A 436 0.19 -12.49 -15.35
C LEU A 436 1.09 -11.30 -15.57
N GLY A 437 0.56 -10.22 -16.12
CA GLY A 437 1.35 -9.02 -16.34
C GLY A 437 1.86 -8.42 -15.02
N MET A 438 1.01 -8.41 -14.01
CA MET A 438 1.44 -8.02 -12.70
C MET A 438 2.57 -8.91 -12.16
N MET A 439 2.47 -10.24 -12.32
CA MET A 439 3.56 -11.13 -11.91
C MET A 439 4.86 -10.82 -12.63
N ILE A 440 4.79 -10.67 -13.96
CA ILE A 440 6.01 -10.41 -14.74
C ILE A 440 6.66 -9.13 -14.23
N MET A 441 5.86 -8.07 -14.18
CA MET A 441 6.30 -6.80 -13.64
C MET A 441 6.85 -6.94 -12.25
N ALA A 442 6.21 -7.78 -11.43
CA ALA A 442 6.63 -7.93 -10.05
C ALA A 442 8.07 -8.42 -10.00
N VAL A 443 8.41 -9.32 -10.94
CA VAL A 443 9.78 -9.86 -11.05
C VAL A 443 10.77 -8.76 -11.48
N GLY A 444 10.43 -8.00 -12.50
CA GLY A 444 11.34 -6.96 -12.97
C GLY A 444 11.60 -5.89 -11.92
N LEU A 445 10.58 -5.55 -11.14
CA LEU A 445 10.71 -4.50 -10.12
C LEU A 445 11.52 -4.94 -8.90
N HIS A 446 11.16 -6.08 -8.34
CA HIS A 446 11.85 -6.60 -7.18
C HIS A 446 13.30 -6.68 -7.57
N TRP A 447 13.54 -7.33 -8.70
CA TRP A 447 14.89 -7.56 -9.16
C TRP A 447 15.61 -6.22 -9.44
N ALA A 448 14.95 -5.31 -10.15
CA ALA A 448 15.59 -4.01 -10.41
C ALA A 448 15.87 -3.32 -9.08
N GLY A 449 14.93 -3.42 -8.14
CA GLY A 449 15.10 -2.86 -6.81
C GLY A 449 16.35 -3.35 -6.11
N LEU A 450 16.60 -4.66 -6.16
CA LEU A 450 17.80 -5.26 -5.59
C LEU A 450 19.08 -4.83 -6.33
N LEU A 451 18.90 -4.25 -7.51
CA LEU A 451 20.01 -3.75 -8.27
C LEU A 451 20.15 -2.26 -7.99
N ASN A 452 19.43 -1.78 -6.98
CA ASN A 452 19.46 -0.35 -6.56
C ASN A 452 18.80 0.66 -7.48
N VAL A 453 17.92 0.21 -8.33
CA VAL A 453 17.25 1.15 -9.17
C VAL A 453 16.23 1.89 -8.26
N PRO A 454 16.22 3.23 -8.34
CA PRO A 454 15.25 4.07 -7.58
C PRO A 454 13.81 3.91 -8.07
N ARG A 455 12.86 4.02 -7.14
CA ARG A 455 11.47 4.10 -7.49
C ARG A 455 11.20 5.55 -7.88
N ARG A 456 9.99 5.83 -8.37
CA ARG A 456 9.59 7.20 -8.74
C ARG A 456 10.55 7.97 -9.65
N ALA A 457 11.12 7.29 -10.66
CA ALA A 457 12.16 7.89 -11.48
C ALA A 457 12.05 7.64 -12.97
N TYR A 458 12.04 8.72 -13.76
CA TYR A 458 12.05 8.63 -15.23
C TYR A 458 13.41 8.06 -15.78
N ILE A 459 13.68 6.79 -15.49
CA ILE A 459 14.96 6.23 -15.83
C ILE A 459 15.20 6.15 -17.34
N ALA A 460 14.16 5.93 -18.13
CA ALA A 460 14.40 5.78 -19.57
C ALA A 460 15.13 7.00 -20.14
N GLN A 461 15.00 8.13 -19.46
CA GLN A 461 15.67 9.37 -19.85
C GLN A 461 17.14 9.49 -19.34
N VAL A 462 17.62 8.46 -18.64
CA VAL A 462 19.03 8.30 -18.31
C VAL A 462 19.49 6.87 -18.66
N PRO A 463 19.50 6.51 -19.95
CA PRO A 463 19.51 5.08 -20.38
C PRO A 463 20.75 4.29 -20.03
N ASP A 464 21.86 4.99 -19.82
CA ASP A 464 23.14 4.34 -19.47
C ASP A 464 23.42 4.33 -17.98
N ALA A 465 22.42 4.67 -17.17
CA ALA A 465 22.57 4.82 -15.71
C ALA A 465 22.53 3.52 -14.91
N TYR A 466 21.83 2.51 -15.44
CA TYR A 466 21.59 1.23 -14.71
C TYR A 466 21.91 -0.06 -15.50
N PRO A 467 23.10 -0.14 -16.12
CA PRO A 467 23.45 -1.26 -17.00
C PRO A 467 23.24 -2.60 -16.35
N HIS A 468 23.56 -2.73 -15.06
CA HIS A 468 23.35 -3.96 -14.30
C HIS A 468 21.89 -4.44 -14.31
N ALA A 469 20.93 -3.54 -14.53
CA ALA A 469 19.48 -3.93 -14.64
C ALA A 469 18.96 -4.43 -16.00
N ALA A 470 19.87 -4.64 -16.95
CA ALA A 470 19.47 -5.05 -18.32
C ALA A 470 18.45 -6.16 -18.33
N VAL A 471 18.67 -7.21 -17.52
CA VAL A 471 17.71 -8.36 -17.46
C VAL A 471 16.31 -8.08 -16.92
N PRO A 472 16.19 -7.58 -15.68
CA PRO A 472 14.85 -7.23 -15.15
C PRO A 472 14.11 -6.22 -16.06
N MET A 473 14.87 -5.42 -16.80
CA MET A 473 14.26 -4.45 -17.71
C MET A 473 13.37 -5.04 -18.83
N VAL A 474 13.74 -6.21 -19.33
CA VAL A 474 12.98 -6.92 -20.33
C VAL A 474 11.63 -7.35 -19.77
N PHE A 475 11.63 -7.71 -18.50
CA PHE A 475 10.40 -8.10 -17.80
C PHE A 475 9.46 -6.95 -17.70
N ASN A 476 9.99 -5.79 -17.34
CA ASN A 476 9.19 -4.60 -17.21
C ASN A 476 8.59 -4.19 -18.56
N VAL A 477 9.39 -4.23 -19.63
CA VAL A 477 8.87 -4.00 -20.98
C VAL A 477 7.75 -5.01 -21.25
N LEU A 478 8.06 -6.29 -21.08
CA LEU A 478 7.06 -7.34 -21.34
C LEU A 478 5.79 -7.05 -20.54
N ALA A 479 5.93 -6.91 -19.23
CA ALA A 479 4.80 -6.56 -18.37
C ALA A 479 4.01 -5.37 -18.96
N GLY A 480 4.74 -4.30 -19.27
CA GLY A 480 4.21 -3.16 -20.00
C GLY A 480 3.30 -3.45 -21.16
N ILE A 481 3.74 -4.27 -22.11
CA ILE A 481 2.86 -4.60 -23.25
C ILE A 481 1.66 -5.47 -22.82
N VAL A 482 1.92 -6.54 -22.07
CA VAL A 482 0.87 -7.42 -21.57
C VAL A 482 -0.24 -6.67 -20.83
N LEU A 483 0.14 -5.80 -19.91
CA LEU A 483 -0.85 -4.99 -19.18
C LEU A 483 -1.60 -3.96 -20.02
N LEU A 484 -0.98 -3.46 -21.11
CA LEU A 484 -1.66 -2.51 -21.97
C LEU A 484 -2.77 -3.29 -22.63
N VAL A 485 -2.47 -4.53 -23.04
CA VAL A 485 -3.48 -5.40 -23.66
C VAL A 485 -4.62 -5.67 -22.67
N ALA A 486 -4.29 -6.25 -21.52
CA ALA A 486 -5.25 -6.47 -20.45
C ALA A 486 -6.13 -5.23 -20.19
N LEU A 487 -5.50 -4.09 -19.96
CA LEU A 487 -6.24 -2.85 -19.77
C LEU A 487 -7.15 -2.55 -20.93
N LEU A 488 -6.63 -2.53 -22.16
CA LEU A 488 -7.50 -2.31 -23.32
C LEU A 488 -8.73 -3.21 -23.27
N LEU A 489 -8.51 -4.49 -23.04
CA LEU A 489 -9.58 -5.47 -22.96
C LEU A 489 -10.54 -5.29 -21.78
N PHE A 490 -10.09 -4.60 -20.74
CA PHE A 490 -10.95 -4.35 -19.59
C PHE A 490 -11.84 -3.16 -19.89
N ILE A 491 -11.30 -2.22 -20.66
CA ILE A 491 -12.05 -1.05 -21.06
C ILE A 491 -13.23 -1.54 -21.89
N TYR A 492 -12.92 -2.23 -22.99
CA TYR A 492 -13.92 -2.75 -23.90
C TYR A 492 -14.88 -3.64 -23.13
N GLY A 493 -14.34 -4.42 -22.20
CA GLY A 493 -15.15 -5.34 -21.40
C GLY A 493 -16.17 -4.62 -20.57
N LEU A 494 -15.69 -3.65 -19.79
CA LEU A 494 -16.53 -2.91 -18.86
C LEU A 494 -17.63 -2.16 -19.58
N PHE A 495 -17.27 -1.45 -20.65
CA PHE A 495 -18.27 -0.75 -21.45
C PHE A 495 -19.33 -1.66 -22.06
N SER A 496 -18.90 -2.80 -22.62
CA SER A 496 -19.84 -3.81 -23.14
C SER A 496 -20.95 -4.25 -22.19
N VAL A 497 -20.61 -4.42 -20.92
CA VAL A 497 -21.61 -4.78 -19.93
C VAL A 497 -22.38 -3.53 -19.58
N LEU A 498 -21.67 -2.49 -19.15
CA LEU A 498 -22.32 -1.26 -18.71
C LEU A 498 -23.28 -0.75 -19.76
N LEU A 499 -22.78 -0.53 -20.98
CA LEU A 499 -23.60 0.03 -22.06
C LEU A 499 -24.45 -0.98 -22.78
N SER A 500 -24.56 -2.20 -22.23
CA SER A 500 -25.35 -3.27 -22.87
C SER A 500 -26.85 -2.96 -23.01
N ARG A 501 -27.46 -3.57 -24.03
CA ARG A 501 -28.90 -3.45 -24.28
C ARG A 501 -29.76 -4.08 -23.16
N GLU A 502 -29.72 -5.41 -23.08
CA GLU A 502 -30.66 -6.19 -22.29
C GLU A 502 -30.79 -5.81 -20.80
N ARG A 503 -31.96 -6.04 -20.22
CA ARG A 503 -32.13 -5.93 -18.78
C ARG A 503 -33.02 -7.04 -18.28
N LYS A 504 -32.50 -7.81 -17.32
CA LYS A 504 -33.25 -8.88 -16.71
C LYS A 504 -33.37 -8.55 -15.24
N PRO A 505 -34.51 -7.95 -14.85
CA PRO A 505 -34.75 -7.52 -13.44
C PRO A 505 -34.77 -8.63 -12.37
N GLU A 506 -34.99 -9.87 -12.79
CA GLU A 506 -34.84 -11.02 -11.90
C GLU A 506 -33.36 -11.15 -11.39
N LEU A 507 -32.41 -10.62 -12.16
CA LEU A 507 -31.00 -10.59 -11.77
C LEU A 507 -30.73 -9.63 -10.61
N ALA A 508 -31.36 -8.46 -10.67
CA ALA A 508 -31.23 -7.46 -9.63
C ALA A 508 -31.92 -7.86 -8.30
N GLU A 509 -32.85 -8.81 -8.38
CA GLU A 509 -33.62 -9.22 -7.21
C GLU A 509 -33.09 -10.51 -6.62
N ALA A 510 -32.15 -11.12 -7.31
CA ALA A 510 -31.41 -12.27 -6.78
C ALA A 510 -30.69 -11.94 -5.45
N PRO A 511 -30.51 -12.96 -4.60
CA PRO A 511 -29.68 -12.78 -3.42
C PRO A 511 -28.24 -12.64 -3.89
N LEU A 512 -27.42 -11.94 -3.10
CA LEU A 512 -25.97 -11.95 -3.33
C LEU A 512 -25.48 -13.37 -2.94
N PRO A 513 -24.43 -13.85 -3.59
CA PRO A 513 -23.99 -15.21 -3.32
C PRO A 513 -23.17 -15.34 -2.04
N PHE A 514 -23.77 -15.00 -0.89
CA PHE A 514 -23.10 -15.15 0.42
C PHE A 514 -22.94 -16.61 0.70
N ALA A 515 -21.77 -16.99 1.23
CA ALA A 515 -21.51 -18.38 1.56
C ALA A 515 -22.14 -18.77 2.87
N GLU A 516 -22.38 -20.05 3.07
CA GLU A 516 -22.79 -20.52 4.38
C GLU A 516 -21.53 -20.87 5.12
N VAL A 517 -21.62 -20.89 6.44
CA VAL A 517 -20.50 -21.33 7.27
C VAL A 517 -20.66 -22.80 7.59
N ILE A 518 -19.57 -23.55 7.45
CA ILE A 518 -19.53 -24.92 7.99
C ILE A 518 -19.96 -25.00 9.48
N PRO A 521 -18.56 -25.32 14.87
CA PRO A 521 -19.53 -25.23 15.96
C PRO A 521 -18.95 -25.59 17.34
N GLU A 522 -18.42 -24.62 18.09
CA GLU A 522 -18.06 -23.24 17.64
C GLU A 522 -17.53 -22.64 18.96
N ASP A 523 -16.83 -21.52 18.88
CA ASP A 523 -16.40 -20.82 20.08
C ASP A 523 -17.29 -19.60 20.37
N ARG A 524 -18.49 -19.84 20.84
CA ARG A 524 -19.42 -18.78 21.09
C ARG A 524 -18.82 -17.79 22.02
N ARG A 525 -17.99 -18.27 22.94
CA ARG A 525 -17.33 -17.42 23.90
C ARG A 525 -16.46 -16.34 23.28
N LEU A 526 -15.69 -16.75 22.30
CA LEU A 526 -14.80 -15.99 21.47
C LEU A 526 -15.63 -14.96 20.68
N VAL A 527 -16.60 -15.45 19.91
CA VAL A 527 -17.48 -14.57 19.17
C VAL A 527 -18.04 -13.43 20.04
N LEU A 528 -18.47 -13.77 21.26
CA LEU A 528 -19.02 -12.80 22.25
C LEU A 528 -18.01 -11.75 22.67
N ALA A 529 -16.79 -12.19 22.97
CA ALA A 529 -15.69 -11.29 23.32
C ALA A 529 -15.41 -10.36 22.13
N MET A 530 -15.27 -10.96 20.95
CA MET A 530 -14.98 -10.21 19.75
C MET A 530 -16.08 -9.20 19.44
N ASP A 531 -17.28 -9.46 19.95
CA ASP A 531 -18.45 -8.60 19.68
C ASP A 531 -18.55 -7.40 20.61
N ARG A 532 -17.68 -7.33 21.59
CA ARG A 532 -17.67 -6.18 22.46
C ARG A 532 -16.90 -5.11 21.71
N ILE A 533 -17.55 -4.50 20.72
CA ILE A 533 -16.85 -3.61 19.81
C ILE A 533 -16.29 -2.34 20.47
N GLY A 534 -17.16 -1.54 21.10
CA GLY A 534 -16.70 -0.33 21.84
C GLY A 534 -15.39 -0.54 22.62
N PHE A 535 -15.32 -1.66 23.33
CA PHE A 535 -14.12 -2.03 24.05
C PHE A 535 -12.90 -2.15 23.12
N TRP A 536 -13.05 -2.91 22.03
CA TRP A 536 -11.97 -3.12 21.10
C TRP A 536 -11.63 -1.83 20.39
N PHE A 537 -12.63 -1.02 20.06
CA PHE A 537 -12.39 0.28 19.48
C PHE A 537 -11.46 1.12 20.38
N ALA A 538 -11.85 1.28 21.65
CA ALA A 538 -11.01 2.01 22.63
C ALA A 538 -9.58 1.49 22.67
N VAL A 539 -9.42 0.19 22.91
CA VAL A 539 -8.09 -0.44 22.94
C VAL A 539 -7.26 0.04 21.74
N ALA A 540 -7.76 -0.24 20.53
CA ALA A 540 -7.11 0.21 19.31
C ALA A 540 -6.69 1.67 19.35
N ALA A 541 -7.58 2.53 19.85
CA ALA A 541 -7.28 3.97 19.94
C ALA A 541 -6.21 4.26 21.01
N ILE A 542 -6.20 3.48 22.07
CA ILE A 542 -5.19 3.60 23.08
C ILE A 542 -3.86 3.25 22.42
N LEU A 543 -3.81 2.11 21.72
CA LEU A 543 -2.58 1.73 21.00
C LEU A 543 -1.99 2.84 20.09
N VAL A 544 -2.85 3.59 19.41
CA VAL A 544 -2.37 4.72 18.62
C VAL A 544 -1.73 5.86 19.47
N VAL A 545 -2.32 6.15 20.61
CA VAL A 545 -1.80 7.13 21.55
C VAL A 545 -0.44 6.66 22.11
N LEU A 546 -0.38 5.41 22.53
CA LEU A 546 0.87 4.84 23.03
C LEU A 546 1.98 4.82 21.98
N ALA A 547 1.62 4.52 20.73
CA ALA A 547 2.60 4.34 19.66
C ALA A 547 2.95 5.60 18.89
N TYR A 548 2.05 6.59 18.90
CA TYR A 548 2.33 7.89 18.23
C TYR A 548 2.50 9.11 19.15
N GLY A 549 1.84 9.06 20.30
CA GLY A 549 1.81 10.16 21.25
C GLY A 549 3.19 10.73 21.59
N PRO A 550 4.07 9.91 22.15
CA PRO A 550 5.35 10.41 22.62
C PRO A 550 6.12 11.12 21.48
N THR A 551 6.08 10.53 20.29
CA THR A 551 6.85 11.06 19.19
C THR A 551 6.25 12.36 18.67
N LEU A 552 4.92 12.40 18.55
CA LEU A 552 4.26 13.60 18.02
C LEU A 552 4.37 14.80 18.99
N VAL A 553 4.34 14.49 20.29
CA VAL A 553 4.48 15.49 21.30
C VAL A 553 5.85 16.14 21.14
N GLN A 554 6.90 15.33 21.04
CA GLN A 554 8.24 15.87 20.76
C GLN A 554 8.33 16.62 19.41
N LEU A 555 7.67 16.13 18.37
CA LEU A 555 7.73 16.83 17.07
C LEU A 555 7.03 18.17 17.10
N PHE A 556 5.83 18.20 17.67
CA PHE A 556 5.06 19.43 17.77
C PHE A 556 5.77 20.45 18.67
N GLY A 557 6.46 19.96 19.70
CA GLY A 557 7.25 20.83 20.58
C GLY A 557 8.46 21.52 19.93
N HIS A 558 8.87 21.04 18.77
CA HIS A 558 10.00 21.61 18.04
C HIS A 558 9.71 21.70 16.56
N LEU A 559 8.64 22.40 16.21
CA LEU A 559 8.36 22.60 14.82
C LEU A 559 9.46 23.40 14.13
N ASN A 560 9.77 23.02 12.90
CA ASN A 560 10.73 23.75 12.08
C ASN A 560 10.27 23.94 10.61
N PRO A 561 9.28 24.81 10.41
CA PRO A 561 8.68 24.99 9.08
C PRO A 561 9.67 25.52 8.04
N VAL A 562 9.52 25.09 6.79
CA VAL A 562 10.47 25.45 5.73
C VAL A 562 9.71 25.90 4.50
N PRO A 563 10.31 26.80 3.71
CA PRO A 563 9.69 27.30 2.45
C PRO A 563 9.34 26.16 1.50
N GLY A 564 8.18 26.29 0.86
CA GLY A 564 7.78 25.33 -0.19
C GLY A 564 8.44 25.61 -1.53
N TRP A 565 8.36 24.64 -2.43
CA TRP A 565 9.02 24.73 -3.71
C TRP A 565 8.18 24.09 -4.79
N ARG A 566 8.27 24.61 -6.00
CA ARG A 566 7.69 23.96 -7.16
C ARG A 566 8.82 23.68 -8.15
N LEU A 567 9.25 22.41 -8.20
CA LEU A 567 10.34 22.00 -9.09
C LEU A 567 9.81 21.21 -10.32
N TRP A 568 8.77 21.74 -10.95
CA TRP A 568 8.25 21.12 -12.17
C TRP A 568 7.56 22.24 -12.94
N ASP B 3 -18.04 -35.88 8.76
CA ASP B 3 -17.55 -35.39 7.42
C ASP B 3 -17.49 -33.85 7.31
N GLU B 4 -18.62 -33.18 7.48
CA GLU B 4 -18.62 -31.71 7.59
C GLU B 4 -18.13 -31.36 9.00
N HIS B 5 -18.77 -31.93 10.02
CA HIS B 5 -18.31 -31.83 11.41
C HIS B 5 -16.81 -32.20 11.59
N LYS B 6 -16.40 -33.32 10.99
CA LYS B 6 -14.99 -33.78 11.09
C LYS B 6 -13.95 -32.90 10.38
N ALA B 7 -14.24 -32.55 9.13
CA ALA B 7 -13.41 -31.61 8.35
C ALA B 7 -13.22 -30.31 9.10
N HIS B 8 -14.29 -29.84 9.71
CA HIS B 8 -14.24 -28.61 10.49
C HIS B 8 -13.23 -28.69 11.64
N LYS B 9 -13.31 -29.73 12.46
CA LYS B 9 -12.37 -29.90 13.60
C LYS B 9 -10.90 -29.99 13.12
N ALA B 10 -10.67 -30.74 12.04
CA ALA B 10 -9.33 -30.97 11.50
C ALA B 10 -8.75 -29.71 10.87
N ILE B 11 -9.60 -28.96 10.17
CA ILE B 11 -9.21 -27.68 9.61
C ILE B 11 -8.78 -26.78 10.74
N LEU B 12 -9.64 -26.66 11.76
CA LEU B 12 -9.38 -25.80 12.90
C LEU B 12 -8.13 -26.24 13.67
N ALA B 13 -8.02 -27.53 13.92
CA ALA B 13 -6.86 -28.08 14.60
C ALA B 13 -5.50 -27.71 13.94
N TYR B 14 -5.39 -27.93 12.63
CA TYR B 14 -4.18 -27.57 11.92
C TYR B 14 -3.92 -26.05 11.79
N GLU B 15 -4.97 -25.25 11.65
CA GLU B 15 -4.80 -23.82 11.55
C GLU B 15 -4.06 -23.30 12.77
N LYS B 16 -4.40 -23.85 13.95
CA LYS B 16 -3.69 -23.49 15.20
C LYS B 16 -2.21 -23.84 15.13
N GLY B 17 -1.93 -25.05 14.63
CA GLY B 17 -0.55 -25.43 14.30
C GLY B 17 0.16 -24.30 13.56
N TRP B 18 -0.28 -24.09 12.32
CA TRP B 18 0.15 -22.97 11.46
C TRP B 18 0.31 -21.59 12.16
N LEU B 19 -0.70 -21.19 12.92
CA LEU B 19 -0.69 -19.89 13.55
C LEU B 19 0.39 -19.83 14.63
N ALA B 20 0.78 -20.98 15.16
CA ALA B 20 1.80 -20.99 16.18
C ALA B 20 3.19 -20.98 15.50
N PHE B 21 3.29 -21.68 14.37
CA PHE B 21 4.53 -21.71 13.62
C PHE B 21 4.78 -20.33 13.03
N SER B 22 3.74 -19.74 12.45
CA SER B 22 3.89 -18.44 11.85
C SER B 22 4.33 -17.45 12.96
N LEU B 23 3.73 -17.56 14.14
CA LEU B 23 4.16 -16.74 15.25
C LEU B 23 5.66 -17.00 15.59
N ALA B 24 6.07 -18.26 15.68
CA ALA B 24 7.47 -18.59 15.92
C ALA B 24 8.37 -17.88 14.92
N MET B 25 8.08 -18.08 13.64
CA MET B 25 8.89 -17.54 12.54
C MET B 25 9.04 -16.02 12.64
N LEU B 26 7.91 -15.33 12.80
CA LEU B 26 7.91 -13.91 13.06
C LEU B 26 8.79 -13.50 14.25
N PHE B 27 8.79 -14.31 15.31
CA PHE B 27 9.57 -14.01 16.54
C PHE B 27 11.05 -14.11 16.25
N VAL B 28 11.41 -15.11 15.45
CA VAL B 28 12.79 -15.32 15.08
C VAL B 28 13.30 -14.15 14.23
N PHE B 29 12.50 -13.71 13.25
CA PHE B 29 12.83 -12.46 12.57
C PHE B 29 13.05 -11.28 13.55
N ILE B 30 12.19 -11.17 14.56
CA ILE B 30 12.35 -10.14 15.55
C ILE B 30 13.71 -10.28 16.20
N ALA B 31 14.07 -11.53 16.52
CA ALA B 31 15.34 -11.79 17.17
C ALA B 31 16.55 -11.51 16.24
N LEU B 32 16.41 -11.85 14.96
CA LEU B 32 17.43 -11.53 13.96
C LEU B 32 17.55 -10.02 13.61
N ILE B 33 16.49 -9.25 13.82
CA ILE B 33 16.55 -7.82 13.58
C ILE B 33 17.29 -7.28 14.77
N ALA B 34 16.79 -7.62 15.97
CA ALA B 34 17.47 -7.29 17.27
C ALA B 34 19.01 -7.44 17.15
N TYR B 35 19.45 -8.60 16.68
CA TYR B 35 20.86 -8.80 16.44
C TYR B 35 21.51 -7.67 15.62
N THR B 36 20.89 -7.30 14.50
CA THR B 36 21.52 -6.39 13.54
C THR B 36 21.66 -5.10 14.29
N LEU B 37 20.64 -4.77 15.09
CA LEU B 37 20.64 -3.58 15.94
C LEU B 37 21.87 -3.45 16.84
N ALA B 38 22.49 -4.58 17.17
CA ALA B 38 23.64 -4.62 18.09
C ALA B 38 25.04 -4.57 17.41
N THR B 39 25.06 -4.61 16.08
CA THR B 39 26.31 -4.61 15.32
C THR B 39 26.62 -3.25 14.69
N HIS B 40 27.74 -3.14 13.99
CA HIS B 40 28.09 -1.86 13.31
C HIS B 40 27.19 -1.63 12.10
N THR B 41 26.66 -2.71 11.55
CA THR B 41 25.74 -2.62 10.43
C THR B 41 24.57 -1.66 10.77
N ALA B 42 24.26 -1.56 12.06
CA ALA B 42 23.22 -0.63 12.55
C ALA B 42 23.57 0.86 12.47
N GLY B 43 24.78 1.16 12.03
CA GLY B 43 25.28 2.55 12.02
C GLY B 43 24.49 3.40 11.04
N VAL B 44 23.83 2.72 10.10
CA VAL B 44 23.15 3.38 9.01
C VAL B 44 21.77 3.77 9.45
N ILE B 45 21.28 3.22 10.56
CA ILE B 45 20.06 3.75 11.14
C ILE B 45 20.35 5.24 11.50
N PRO B 46 19.49 6.16 11.06
CA PRO B 46 19.62 7.56 11.41
C PRO B 46 19.64 7.78 12.92
N ALA B 47 20.19 8.91 13.34
CA ALA B 47 20.19 9.28 14.76
C ALA B 47 18.81 9.88 15.03
N GLY B 48 18.16 9.40 16.08
CA GLY B 48 16.78 9.75 16.30
C GLY B 48 16.64 11.16 16.78
N LYS B 49 17.79 11.80 17.01
CA LYS B 49 17.86 13.10 17.66
C LYS B 49 17.45 14.23 16.68
N LEU B 50 16.73 15.22 17.19
CA LEU B 50 16.37 16.34 16.33
C LEU B 50 17.51 17.37 16.31
N GLU B 51 17.91 17.77 15.10
CA GLU B 51 19.01 18.73 14.92
C GLU B 51 18.56 19.71 13.86
N ARG B 52 17.88 20.77 14.26
CA ARG B 52 17.25 21.64 13.29
C ARG B 52 18.24 22.64 12.66
N VAL B 53 18.02 23.00 11.40
CA VAL B 53 18.79 24.05 10.72
C VAL B 53 17.88 24.93 9.86
N ASP B 54 18.45 26.02 9.33
CA ASP B 54 17.72 26.93 8.45
C ASP B 54 18.22 26.75 7.00
N PRO B 55 17.42 26.08 6.18
CA PRO B 55 17.78 25.78 4.77
C PRO B 55 17.96 27.04 3.88
N THR B 56 17.57 28.19 4.38
CA THR B 56 17.65 29.41 3.57
C THR B 56 19.05 30.05 3.71
N THR B 57 19.78 29.63 4.74
CA THR B 57 21.08 30.21 5.05
C THR B 57 22.21 29.17 5.13
N VAL B 58 21.83 27.91 4.98
CA VAL B 58 22.77 26.80 5.15
C VAL B 58 23.97 26.83 4.18
N ARG B 59 23.74 27.31 2.95
CA ARG B 59 24.80 27.56 1.98
C ARG B 59 25.63 28.82 2.19
N GLN B 60 25.17 29.70 3.09
CA GLN B 60 25.89 30.95 3.36
C GLN B 60 26.68 30.87 4.65
N GLU B 61 26.22 30.09 5.62
CA GLU B 61 26.88 29.99 6.93
C GLU B 61 26.76 28.60 7.54
N GLY B 62 27.75 28.19 8.33
CA GLY B 62 27.72 26.90 8.99
C GLY B 62 28.51 25.90 8.20
N PRO B 63 28.57 24.65 8.67
CA PRO B 63 29.41 23.61 8.04
C PRO B 63 29.11 23.18 6.57
N TRP B 64 28.02 23.65 6.00
CA TRP B 64 27.67 23.23 4.67
C TRP B 64 28.03 24.33 3.68
N ALA B 65 28.48 25.46 4.21
CA ALA B 65 28.67 26.65 3.39
C ALA B 65 29.89 26.56 2.45
N ASP B 66 30.91 25.79 2.88
CA ASP B 66 32.17 25.60 2.13
C ASP B 66 32.48 24.11 1.89
N PRO B 67 32.03 23.57 0.74
CA PRO B 67 32.16 22.13 0.52
C PRO B 67 33.58 21.59 0.67
N ALA B 68 34.60 22.41 0.39
CA ALA B 68 35.98 21.90 0.41
C ALA B 68 36.40 21.56 1.82
N GLN B 69 35.62 22.04 2.78
CA GLN B 69 35.90 21.77 4.20
C GLN B 69 34.89 20.87 4.90
N ALA B 70 34.08 20.19 4.09
CA ALA B 70 33.04 19.29 4.57
C ALA B 70 33.56 18.07 5.32
N VAL B 71 34.78 17.63 4.98
CA VAL B 71 35.35 16.39 5.58
C VAL B 71 36.24 16.72 6.78
N VAL B 72 35.75 16.46 7.99
CA VAL B 72 36.44 16.87 9.22
C VAL B 72 36.78 15.65 10.06
N GLN B 73 38.05 15.49 10.40
CA GLN B 73 38.47 14.42 11.29
C GLN B 73 37.94 14.74 12.69
N THR B 74 37.15 13.85 13.27
CA THR B 74 36.57 14.09 14.58
C THR B 74 36.96 13.00 15.57
N GLY B 75 37.71 12.01 15.09
CA GLY B 75 38.24 10.95 15.95
C GLY B 75 39.57 10.45 15.40
N PRO B 76 40.27 9.59 16.16
CA PRO B 76 41.54 9.01 15.67
C PRO B 76 41.33 8.23 14.36
N ASN B 77 40.23 7.50 14.27
CA ASN B 77 39.86 6.80 13.05
C ASN B 77 38.42 7.16 12.57
N GLN B 78 38.09 8.45 12.62
CA GLN B 78 36.73 8.93 12.38
C GLN B 78 36.61 10.28 11.63
N TYR B 79 35.75 10.33 10.62
CA TYR B 79 35.51 11.58 9.89
C TYR B 79 34.03 11.92 9.86
N THR B 80 33.73 13.21 10.04
CA THR B 80 32.36 13.73 9.91
C THR B 80 32.35 14.45 8.61
N VAL B 81 31.26 14.31 7.87
CA VAL B 81 31.17 14.85 6.55
C VAL B 81 29.88 15.63 6.45
N TYR B 82 29.98 16.91 6.15
CA TYR B 82 28.77 17.72 5.99
C TYR B 82 28.36 17.70 4.53
N VAL B 83 27.32 16.96 4.23
CA VAL B 83 26.82 16.85 2.88
C VAL B 83 25.57 17.68 2.68
N LEU B 84 25.50 18.37 1.55
CA LEU B 84 24.28 19.03 1.14
C LEU B 84 23.69 18.24 -0.02
N ALA B 85 22.42 17.90 0.09
CA ALA B 85 21.69 17.29 -1.03
C ALA B 85 20.73 18.41 -1.49
N PHE B 86 20.71 18.69 -2.79
CA PHE B 86 20.00 19.86 -3.28
C PHE B 86 19.58 19.60 -4.68
N ALA B 87 18.78 20.50 -5.25
CA ALA B 87 18.37 20.36 -6.64
C ALA B 87 19.43 20.94 -7.58
N PHE B 88 20.05 20.13 -8.47
CA PHE B 88 19.97 18.62 -8.46
C PHE B 88 21.36 17.97 -8.40
N GLY B 89 21.88 17.80 -7.19
CA GLY B 89 23.19 17.20 -7.00
C GLY B 89 23.58 17.19 -5.54
N TYR B 90 24.79 16.73 -5.25
CA TYR B 90 25.31 16.70 -3.89
C TYR B 90 26.66 17.42 -3.84
N GLN B 91 26.89 18.19 -2.78
CA GLN B 91 28.21 18.81 -2.54
C GLN B 91 28.74 18.30 -1.18
N PRO B 92 30.05 18.07 -1.06
CA PRO B 92 31.02 18.17 -2.19
C PRO B 92 30.84 17.10 -3.23
N ASN B 93 31.46 17.29 -4.40
CA ASN B 93 31.55 16.24 -5.44
C ASN B 93 32.96 16.24 -5.98
N PRO B 94 33.71 15.17 -5.70
CA PRO B 94 33.25 14.03 -4.92
C PRO B 94 33.38 14.23 -3.38
N ILE B 95 32.75 13.36 -2.60
CA ILE B 95 33.10 13.19 -1.18
C ILE B 95 34.35 12.30 -1.15
N GLU B 96 35.37 12.73 -0.43
CA GLU B 96 36.60 11.92 -0.31
C GLU B 96 36.83 11.47 1.11
N VAL B 97 36.78 10.17 1.35
CA VAL B 97 37.02 9.63 2.71
C VAL B 97 38.09 8.51 2.71
N PRO B 98 38.75 8.26 3.85
CA PRO B 98 39.73 7.21 3.86
C PRO B 98 38.96 5.92 4.08
N GLN B 99 39.44 4.84 3.44
CA GLN B 99 38.94 3.50 3.75
C GLN B 99 39.24 3.10 5.22
N GLY B 100 38.38 2.26 5.77
CA GLY B 100 38.59 1.74 7.11
C GLY B 100 38.20 2.71 8.18
N ALA B 101 38.05 3.99 7.82
CA ALA B 101 37.65 5.01 8.80
C ALA B 101 36.14 5.03 8.95
N GLU B 102 35.66 5.49 10.09
CA GLU B 102 34.24 5.54 10.36
C GLU B 102 33.73 6.92 9.99
N ILE B 103 32.70 6.95 9.16
CA ILE B 103 32.25 8.19 8.51
C ILE B 103 30.88 8.57 9.06
N VAL B 104 30.82 9.68 9.78
CA VAL B 104 29.56 10.18 10.28
C VAL B 104 29.08 11.19 9.25
N PHE B 105 28.17 10.79 8.36
CA PHE B 105 27.54 11.73 7.41
C PHE B 105 26.48 12.57 8.12
N LYS B 106 26.56 13.88 7.95
CA LYS B 106 25.56 14.77 8.44
C LYS B 106 25.02 15.53 7.21
N ILE B 107 23.82 15.18 6.78
CA ILE B 107 23.26 15.58 5.46
C ILE B 107 21.96 16.44 5.52
N THR B 108 21.90 17.56 4.82
CA THR B 108 20.70 18.37 4.80
C THR B 108 20.43 18.91 3.41
N SER B 109 19.28 19.57 3.27
CA SER B 109 18.81 20.06 1.96
C SER B 109 18.36 21.52 2.06
N PRO B 110 18.65 22.32 1.05
CA PRO B 110 18.21 23.70 0.99
C PRO B 110 16.85 23.94 0.34
N ASP B 111 16.30 22.90 -0.22
CA ASP B 111 15.08 22.98 -0.95
C ASP B 111 14.02 22.00 -0.57
N VAL B 112 14.16 20.82 -1.08
CA VAL B 112 13.17 19.79 -0.98
C VAL B 112 13.80 18.54 -0.44
N ILE B 113 13.00 17.51 -0.23
CA ILE B 113 13.49 16.25 0.28
C ILE B 113 14.24 15.56 -0.84
N HIS B 114 15.34 14.89 -0.48
CA HIS B 114 16.11 14.08 -1.41
C HIS B 114 16.44 12.74 -0.73
N GLY B 115 16.65 11.72 -1.55
CA GLY B 115 17.26 10.53 -1.04
C GLY B 115 18.79 10.63 -0.98
N PHE B 116 19.40 9.80 -0.14
CA PHE B 116 20.84 9.66 -0.09
C PHE B 116 21.12 8.18 0.01
N HIS B 117 21.19 7.54 -1.16
CA HIS B 117 21.37 6.12 -1.21
C HIS B 117 22.71 5.82 -1.85
N VAL B 118 23.61 5.17 -1.10
CA VAL B 118 24.97 4.94 -1.60
C VAL B 118 25.02 3.58 -2.20
N GLU B 119 25.14 3.53 -3.52
CA GLU B 119 25.07 2.30 -4.26
C GLU B 119 26.17 1.37 -3.76
N GLY B 120 25.84 0.12 -3.54
CA GLY B 120 26.81 -0.82 -3.01
C GLY B 120 26.83 -0.93 -1.51
N THR B 121 26.11 -0.06 -0.78
CA THR B 121 26.14 -0.09 0.67
C THR B 121 24.74 -0.01 1.22
N ASN B 122 24.63 -0.11 2.55
CA ASN B 122 23.36 0.05 3.25
C ASN B 122 22.94 1.49 3.62
N ILE B 123 23.72 2.49 3.21
CA ILE B 123 23.33 3.88 3.46
C ILE B 123 22.13 4.21 2.56
N ASN B 124 21.04 4.63 3.18
CA ASN B 124 19.82 4.91 2.45
C ASN B 124 19.03 5.73 3.44
N VAL B 125 19.12 7.06 3.31
CA VAL B 125 18.49 7.97 4.26
C VAL B 125 17.78 9.17 3.58
N GLU B 126 16.55 9.43 4.02
CA GLU B 126 15.84 10.60 3.58
C GLU B 126 16.53 11.87 4.08
N VAL B 127 16.64 12.85 3.21
CA VAL B 127 17.18 14.15 3.59
C VAL B 127 16.12 15.24 3.51
N LEU B 128 15.77 15.79 4.67
CA LEU B 128 14.67 16.77 4.79
C LEU B 128 15.27 18.13 5.06
N PRO B 129 14.78 19.17 4.37
CA PRO B 129 15.18 20.54 4.66
C PRO B 129 14.79 20.91 6.10
N GLY B 130 15.69 21.57 6.82
CA GLY B 130 15.39 21.97 8.17
C GLY B 130 15.85 20.96 9.17
N GLU B 131 16.18 19.76 8.71
CA GLU B 131 16.78 18.75 9.58
C GLU B 131 18.09 18.24 9.00
N VAL B 132 19.00 17.82 9.89
CA VAL B 132 20.24 17.15 9.52
C VAL B 132 20.01 15.67 9.81
N SER B 133 20.25 14.83 8.80
CA SER B 133 20.14 13.40 8.95
C SER B 133 21.55 12.91 9.27
N THR B 134 21.69 12.11 10.32
CA THR B 134 23.03 11.63 10.72
C THR B 134 23.12 10.10 10.63
N VAL B 135 24.10 9.61 9.86
CA VAL B 135 24.26 8.16 9.65
C VAL B 135 25.73 7.82 9.62
N ARG B 136 26.06 6.55 9.82
CA ARG B 136 27.44 6.12 10.01
C ARG B 136 27.77 4.87 9.26
N TYR B 137 28.95 4.84 8.66
CA TYR B 137 29.36 3.72 7.86
C TYR B 137 30.87 3.63 7.82
N THR B 138 31.40 2.42 7.73
CA THR B 138 32.84 2.24 7.49
C THR B 138 32.98 1.60 6.15
N PHE B 139 33.66 2.31 5.24
CA PHE B 139 33.88 1.78 3.93
C PHE B 139 35.04 0.85 4.05
N LYS B 140 34.81 -0.42 3.74
CA LYS B 140 35.84 -1.46 3.80
C LYS B 140 36.62 -1.63 2.48
N ARG B 141 35.96 -1.40 1.35
CA ARG B 141 36.64 -1.48 0.06
C ARG B 141 36.85 -0.06 -0.50
N PRO B 142 38.01 0.21 -1.07
CA PRO B 142 38.30 1.50 -1.67
C PRO B 142 37.73 1.65 -3.11
N GLY B 143 37.52 2.89 -3.54
CA GLY B 143 37.03 3.14 -4.86
C GLY B 143 35.88 4.11 -4.93
N GLU B 144 35.07 3.95 -5.97
CA GLU B 144 34.08 4.93 -6.32
C GLU B 144 32.65 4.45 -6.12
N TYR B 145 31.91 5.14 -5.27
CA TYR B 145 30.58 4.75 -4.97
C TYR B 145 29.66 5.83 -5.52
N ARG B 146 28.59 5.42 -6.18
CA ARG B 146 27.62 6.37 -6.66
C ARG B 146 26.61 6.68 -5.53
N ILE B 147 26.25 7.95 -5.38
CA ILE B 147 25.09 8.32 -4.57
C ILE B 147 23.91 8.53 -5.51
N ILE B 148 22.81 7.86 -5.22
CA ILE B 148 21.56 8.00 -5.96
C ILE B 148 20.48 8.76 -5.13
N CYS B 149 19.78 9.72 -5.75
CA CYS B 149 18.59 10.33 -5.08
C CYS B 149 17.39 9.44 -5.33
N ASN B 150 16.85 8.81 -4.30
CA ASN B 150 15.77 7.89 -4.47
C ASN B 150 14.42 8.38 -3.91
N GLN B 151 14.35 9.67 -3.56
CA GLN B 151 13.08 10.38 -3.30
C GLN B 151 12.78 11.46 -4.35
N TYR B 152 11.61 11.36 -5.00
CA TYR B 152 11.22 12.29 -6.04
C TYR B 152 11.46 13.71 -5.56
N CYS B 153 12.14 14.49 -6.39
CA CYS B 153 12.50 15.78 -5.95
C CYS B 153 12.23 16.81 -7.03
N GLY B 154 11.42 16.46 -8.02
CA GLY B 154 11.12 17.38 -9.08
C GLY B 154 11.70 16.87 -10.35
N LEU B 155 11.55 17.66 -11.42
CA LEU B 155 11.89 17.20 -12.78
C LEU B 155 13.31 16.67 -12.98
N GLY B 156 14.26 17.08 -12.14
CA GLY B 156 15.64 16.67 -12.27
C GLY B 156 15.96 15.42 -11.46
N HIS B 157 14.93 14.80 -10.89
CA HIS B 157 15.13 13.63 -10.03
C HIS B 157 15.97 12.55 -10.70
N GLN B 158 15.57 12.09 -11.89
CA GLN B 158 16.24 10.94 -12.58
C GLN B 158 17.73 11.10 -12.85
N ASN B 159 18.20 12.34 -12.93
CA ASN B 159 19.60 12.59 -13.21
C ASN B 159 20.41 13.14 -12.01
N MET B 160 19.82 13.11 -10.82
CA MET B 160 20.50 13.58 -9.61
C MET B 160 21.39 12.46 -9.00
N PHE B 161 22.70 12.63 -9.14
CA PHE B 161 23.66 11.64 -8.69
C PHE B 161 24.82 12.35 -8.07
N GLY B 162 25.46 11.68 -7.12
CA GLY B 162 26.68 12.18 -6.48
C GLY B 162 27.74 11.09 -6.43
N THR B 163 28.88 11.40 -5.83
CA THR B 163 30.01 10.51 -5.85
C THR B 163 30.77 10.53 -4.54
N ILE B 164 31.00 9.35 -3.99
CA ILE B 164 31.87 9.21 -2.85
C ILE B 164 33.13 8.47 -3.32
N VAL B 165 34.31 9.04 -3.08
CA VAL B 165 35.56 8.32 -3.34
C VAL B 165 36.25 7.88 -2.05
N VAL B 166 36.51 6.58 -1.96
CA VAL B 166 37.16 5.99 -0.80
C VAL B 166 38.60 5.65 -1.12
N LYS B 167 39.54 6.32 -0.45
CA LYS B 167 40.96 6.25 -0.78
C LYS B 167 41.62 5.08 -0.06
N GLU B 168 42.49 4.36 -0.77
CA GLU B 168 43.20 3.19 -0.20
C GLU B 168 44.03 3.56 1.04
N LYS C 4 -7.16 -34.75 7.03
CA LYS C 4 -6.42 -33.47 7.25
C LYS C 4 -6.46 -32.54 6.03
N PRO C 5 -6.46 -31.22 6.27
CA PRO C 5 -6.42 -30.25 5.20
C PRO C 5 -5.05 -30.22 4.51
N LYS C 6 -4.72 -31.29 3.82
CA LYS C 6 -3.44 -31.43 3.10
C LYS C 6 -3.13 -30.30 2.07
N GLY C 7 -4.12 -29.90 1.29
CA GLY C 7 -3.95 -28.80 0.33
C GLY C 7 -3.68 -27.44 0.96
N ALA C 8 -4.48 -27.11 1.98
CA ALA C 8 -4.28 -25.90 2.75
C ALA C 8 -2.85 -25.88 3.24
N LEU C 9 -2.45 -26.95 3.93
CA LEU C 9 -1.09 -27.07 4.41
C LEU C 9 -0.05 -26.79 3.32
N ALA C 10 -0.26 -27.37 2.14
CA ALA C 10 0.65 -27.14 1.00
C ALA C 10 0.68 -25.67 0.56
N VAL C 11 -0.44 -24.98 0.72
CA VAL C 11 -0.49 -23.59 0.40
C VAL C 11 0.41 -22.85 1.38
N ILE C 12 0.36 -23.21 2.66
CA ILE C 12 1.18 -22.48 3.66
C ILE C 12 2.66 -22.89 3.64
N LEU C 13 2.95 -24.06 3.07
CA LEU C 13 4.35 -24.49 2.88
C LEU C 13 4.94 -23.48 1.88
N VAL C 14 4.34 -23.39 0.71
CA VAL C 14 4.74 -22.46 -0.33
C VAL C 14 4.91 -21.07 0.23
N LEU C 15 3.97 -20.65 1.06
CA LEU C 15 4.02 -19.32 1.63
C LEU C 15 5.20 -19.17 2.62
N THR C 16 5.41 -20.18 3.48
CA THR C 16 6.52 -20.16 4.42
C THR C 16 7.86 -20.12 3.68
N LEU C 17 7.96 -20.86 2.59
CA LEU C 17 9.18 -20.93 1.83
C LEU C 17 9.41 -19.61 1.10
N THR C 18 8.32 -19.03 0.62
CA THR C 18 8.43 -17.76 -0.06
C THR C 18 8.99 -16.76 0.97
N ILE C 19 8.33 -16.62 2.12
CA ILE C 19 8.77 -15.68 3.16
C ILE C 19 10.24 -15.89 3.50
N LEU C 20 10.64 -17.14 3.67
CA LEU C 20 11.97 -17.45 4.05
C LEU C 20 12.99 -17.15 2.95
N VAL C 21 12.66 -17.49 1.71
CA VAL C 21 13.58 -17.19 0.61
C VAL C 21 13.76 -15.68 0.58
N PHE C 22 12.65 -14.95 0.51
CA PHE C 22 12.66 -13.47 0.63
C PHE C 22 13.49 -12.92 1.81
N TRP C 23 13.20 -13.38 3.03
CA TRP C 23 13.76 -12.75 4.23
C TRP C 23 15.26 -12.98 4.41
N LEU C 24 15.67 -14.25 4.52
CA LEU C 24 17.08 -14.60 4.56
C LEU C 24 17.78 -14.14 3.31
N GLY C 25 17.10 -14.15 2.19
CA GLY C 25 17.64 -13.50 0.99
C GLY C 25 18.12 -12.08 1.30
N VAL C 26 17.20 -11.24 1.76
CA VAL C 26 17.52 -9.82 2.04
C VAL C 26 18.53 -9.63 3.21
N TYR C 27 18.36 -10.46 4.23
CA TYR C 27 19.28 -10.41 5.35
C TYR C 27 20.74 -10.62 4.84
N ALA C 28 20.87 -11.50 3.85
CA ALA C 28 22.17 -11.86 3.28
C ALA C 28 22.65 -10.65 2.55
N VAL C 29 21.76 -10.00 1.82
CA VAL C 29 22.13 -8.78 1.07
C VAL C 29 22.47 -7.61 2.00
N PHE C 30 21.72 -7.46 3.10
CA PHE C 30 22.02 -6.44 4.09
C PHE C 30 23.45 -6.56 4.63
N PHE C 31 23.91 -7.79 4.90
CA PHE C 31 25.25 -7.99 5.45
C PHE C 31 26.40 -7.87 4.46
N ALA C 32 26.16 -8.34 3.24
CA ALA C 32 27.09 -8.14 2.17
C ALA C 32 27.38 -6.63 2.00
N ARG C 33 26.34 -5.79 2.08
CA ARG C 33 26.49 -4.36 1.88
C ARG C 33 26.91 -3.62 3.14
N GLY C 34 27.18 -4.36 4.20
CA GLY C 34 27.36 -3.76 5.52
C GLY C 34 28.75 -3.30 5.87
CU CU D . 2.68 0.52 5.66
CHA HEM E . 3.37 3.12 -9.76
CHB HEM E . 2.83 0.00 -13.52
CHC HEM E . -1.91 -0.33 -12.24
CHD HEM E . -0.81 1.92 -8.05
C1A HEM E . 3.70 2.12 -10.80
C2A HEM E . 5.05 1.87 -11.36
C3A HEM E . 4.84 1.20 -12.53
C4A HEM E . 3.36 0.87 -12.66
CMA HEM E . 5.90 0.66 -13.49
CAA HEM E . 6.32 2.43 -10.73
CBA HEM E . 6.65 3.84 -11.26
CGA HEM E . 7.84 4.52 -10.59
O1A HEM E . 8.36 5.56 -11.05
O2A HEM E . 8.38 4.01 -9.49
C1B HEM E . 1.35 -0.32 -13.58
C2B HEM E . 0.77 -1.03 -14.54
C3B HEM E . -0.62 -1.30 -14.06
C4B HEM E . -0.73 -0.54 -12.80
CMB HEM E . 1.25 -1.26 -15.96
CAB HEM E . -1.63 -1.87 -14.68
CBB HEM E . -2.22 -1.23 -15.90
C1C HEM E . -2.03 0.15 -10.85
C2C HEM E . -2.98 -0.22 -9.98
C3C HEM E . -2.53 0.26 -8.68
C4C HEM E . -1.37 0.88 -8.92
CMC HEM E . -4.37 -0.75 -10.23
CAC HEM E . -3.45 0.53 -7.54
CBC HEM E . -4.52 -0.20 -7.23
C1D HEM E . 0.42 2.40 -8.13
C2D HEM E . 0.97 3.46 -7.23
C3D HEM E . 2.24 3.64 -7.62
C4D HEM E . 2.34 2.98 -8.95
CMD HEM E . 0.36 3.86 -5.90
CAD HEM E . 3.38 4.37 -6.90
CBD HEM E . 3.31 5.84 -7.29
CGD HEM E . 4.32 6.73 -6.58
O1D HEM E . 4.05 7.91 -6.44
O2D HEM E . 5.48 6.27 -6.12
NA HEM E . 2.80 1.24 -11.50
NB HEM E . 0.39 0.18 -12.75
NC HEM E . -0.99 0.64 -10.19
ND HEM E . 1.34 2.11 -9.07
FE HEM E . 0.91 1.22 -10.83
FE HAS F . 3.02 -2.73 2.08
CHA HAS F . 4.89 0.05 1.38
CHB HAS F . 4.75 -3.48 4.89
CHC HAS F . 1.02 -5.30 2.94
CHD HAS F . 0.77 -1.48 -0.19
NA HAS F . 2.99 -1.27 0.68
C1A HAS F . 3.86 -0.23 0.61
C2A HAS F . 3.42 0.79 -0.36
C3A HAS F . 2.16 0.50 -0.66
C4A HAS F . 1.89 -0.79 0.05
CMA HAS F . 1.29 1.07 -1.76
OMD HAS F . 7.22 -2.08 6.63
CAA HAS F . 4.29 1.93 -0.80
CBA HAS F . 3.74 3.26 -0.31
CGA HAS F . 4.47 4.45 -0.91
O1A HAS F . 3.91 5.02 -1.84
O2A HAS F . 5.66 4.80 -0.40
NB HAS F . 2.95 -4.09 3.58
C1B HAS F . 3.92 -4.39 4.42
C2B HAS F . 3.61 -5.59 5.25
C3B HAS F . 2.48 -6.11 4.73
C4B HAS F . 2.11 -5.14 3.66
CMB HAS F . 4.15 -5.96 6.65
NC HAS F . 1.14 -3.26 1.57
C1C HAS F . 0.40 -4.26 2.07
C2C HAS F . -0.84 -4.38 1.58
C3C HAS F . -1.05 -3.30 0.58
C4C HAS F . 0.30 -2.65 0.61
CMC HAS F . -1.72 -5.60 1.82
CAC HAS F . -1.97 -3.16 -0.37
CBC HAS F . -3.48 -3.24 -0.32
ND HAS F . 4.77 -2.11 2.77
C1D HAS F . 5.35 -2.42 4.06
C2D HAS F . 6.58 -1.55 4.32
C3D HAS F . 6.53 -0.58 3.42
C4D HAS F . 5.36 -0.82 2.51
CMD HAS F . 7.42 -1.49 5.57
CAD HAS F . 7.51 0.52 3.20
CBD HAS F . 8.78 0.03 2.52
CGD HAS F . 9.56 1.24 2.11
O1D HAS F . 10.87 1.31 2.26
O2D HAS F . 8.91 2.15 1.65
C11 HAS F . 1.69 -7.28 5.33
O11 HAS F . 0.32 -6.88 5.57
C12 HAS F . 1.82 -8.59 4.49
C13 HAS F . 1.13 -9.82 5.09
C14 HAS F . 0.59 -10.84 4.09
C15 HAS F . 0.93 -12.12 3.99
C16 HAS F . 0.39 -12.91 2.81
C17 HAS F . -0.68 -13.96 3.20
C18 HAS F . -1.14 -14.77 2.00
C19 HAS F . -2.37 -14.86 1.51
C20 HAS F . -2.58 -15.57 0.21
C21 HAS F . -2.75 -17.09 0.34
C22 HAS F . -3.13 -17.70 -0.99
C23 HAS F . -4.25 -18.36 -1.23
C24 HAS F . -4.56 -18.91 -2.61
C25 HAS F . -5.30 -18.65 -0.18
C26 HAS F . 1.82 -12.84 4.99
C27 HAS F . -3.58 -14.25 2.17
C28 HAS F . -4.61 -20.44 -2.59
C29 HAS F . -5.34 -21.03 -3.77
C30 HAS F . -4.95 -22.04 -4.54
C31 HAS F . -5.84 -22.47 -5.66
C32 HAS F . -3.64 -22.81 -4.39
O1 PER G . 2.55 -1.32 3.60
O2 PER G . 1.74 -0.08 3.46
C18 OLC H . -1.98 -11.08 -25.85
C10 OLC H . 6.43 -9.47 -28.35
C9 OLC H . 7.27 -10.47 -28.61
C17 OLC H . -1.22 -10.29 -24.82
C11 OLC H . 5.77 -9.31 -26.99
C8 OLC H . 7.90 -10.58 -29.99
C24 OLC H . 14.03 -0.29 -28.45
C16 OLC H . 0.23 -10.75 -24.68
C12 OLC H . 4.71 -10.40 -26.83
C7 OLC H . 9.35 -10.12 -29.93
C15 OLC H . 1.17 -9.82 -25.45
C13 OLC H . 3.31 -9.81 -26.73
C6 OLC H . 9.45 -8.62 -30.18
C14 OLC H . 2.58 -10.36 -25.52
C5 OLC H . 10.85 -8.23 -30.66
C4 OLC H . 10.75 -7.23 -31.82
C3 OLC H . 11.30 -5.84 -31.50
C2 OLC H . 12.13 -5.68 -30.22
C21 OLC H . 12.94 -2.44 -29.15
C1 OLC H . 13.18 -4.59 -30.36
C22 OLC H . 13.96 -1.36 -29.54
O19 OLC H . 13.82 -4.41 -31.38
O25 OLC H . 13.07 0.75 -28.69
O23 OLC H . 15.29 -1.91 -29.74
O20 OLC H . 13.37 -3.80 -29.23
C10 OLC I . 2.06 -13.77 -21.17
C9 OLC I . 0.81 -14.21 -21.38
C11 OLC I . 3.31 -14.29 -21.88
C8 OLC I . 0.42 -15.31 -22.36
C24 OLC I . -9.36 -20.95 -16.37
C16 OLC I . 7.33 -18.78 -21.89
C12 OLC I . 4.32 -14.88 -20.89
C7 OLC I . -1.07 -15.56 -22.54
C15 OLC I . 6.76 -17.63 -21.06
C13 OLC I . 5.64 -15.34 -21.51
C6 OLC I . -1.74 -16.18 -21.31
C14 OLC I . 5.68 -16.85 -21.82
C5 OLC I . -3.27 -16.23 -21.43
C4 OLC I . -3.87 -16.99 -20.25
C3 OLC I . -5.39 -16.81 -20.18
C2 OLC I . -6.08 -18.17 -20.19
C21 OLC I . -9.05 -19.76 -18.55
C1 OLC I . -7.48 -18.19 -19.62
C22 OLC I . -8.76 -21.03 -17.76
O19 OLC I . -8.25 -17.24 -19.65
O25 OLC I . -8.70 -19.97 -15.57
O23 OLC I . -9.28 -22.16 -18.46
O20 OLC I . -7.77 -19.40 -19.07
C10 OLC J . -14.28 26.59 -2.67
C9 OLC J . -13.05 27.04 -2.51
C11 OLC J . -15.31 26.60 -1.56
C8 OLC J . -12.45 27.63 -1.24
C24 OLC J . -0.31 30.93 -1.97
C7 OLC J . -11.82 28.97 -1.63
C6 OLC J . -10.34 29.10 -1.27
C5 OLC J . -9.62 30.01 -2.27
C4 OLC J . -8.14 30.22 -1.96
C3 OLC J . -7.37 30.88 -3.09
C2 OLC J . -6.05 31.49 -2.60
C21 OLC J . -2.50 30.49 -3.09
C1 OLC J . -4.81 31.15 -3.45
C22 OLC J . -1.25 31.35 -3.11
O19 OLC J . -4.85 30.82 -4.63
O25 OLC J . 0.66 29.92 -2.34
O23 OLC J . -0.62 31.26 -4.40
O20 OLC J . -3.65 31.26 -2.69
C10 OLC K . -22.66 22.50 -6.96
C9 OLC K . -22.94 21.20 -6.83
C8 OLC K . -24.26 20.71 -6.26
C24 OLC K . -32.76 15.00 -7.08
C7 OLC K . -24.43 19.18 -6.28
C6 OLC K . -25.70 18.73 -7.00
C5 OLC K . -26.56 17.85 -6.11
C4 OLC K . -27.69 17.06 -6.78
C3 OLC K . -28.04 15.78 -5.99
C2 OLC K . -28.86 14.75 -6.79
C21 OLC K . -31.52 13.23 -5.63
C1 OLC K . -29.06 13.37 -6.16
C22 OLC K . -32.25 14.61 -5.67
O19 OLC K . -28.41 12.35 -6.45
O25 OLC K . -33.43 13.91 -7.73
O23 OLC K . -33.30 14.73 -4.66
O20 OLC K . -30.12 13.36 -5.24
C24 OLC L . -26.03 7.19 14.76
C21 OLC L . -23.52 7.29 14.42
C1 OLC L . -21.38 7.91 15.34
C22 OLC L . -24.70 6.52 14.96
O19 OLC L . -21.37 8.90 16.05
O25 OLC L . -26.92 6.44 15.58
O23 OLC L . -24.78 5.30 14.23
O20 OLC L . -22.41 7.01 15.26
C8 OLC M . -20.33 7.24 18.30
C24 OLC M . -24.61 -1.30 21.39
C7 OLC M . -18.95 6.77 17.89
C6 OLC M . -18.97 5.28 17.59
C5 OLC M . -17.92 4.55 18.42
C4 OLC M . -18.55 3.61 19.46
C3 OLC M . -19.09 2.34 18.83
C2 OLC M . -19.24 1.18 19.82
C21 OLC M . -22.47 -0.05 21.05
C1 OLC M . -20.49 1.31 20.68
C22 OLC M . -23.77 -0.52 20.37
O19 OLC M . -20.52 1.96 21.71
O25 OLC M . -25.72 -1.94 20.76
O23 OLC M . -24.49 0.62 19.86
O20 OLC M . -21.55 0.61 20.16
C10 OLC N . 10.05 -13.56 -19.70
C9 OLC N . 11.23 -13.03 -20.05
C11 OLC N . 9.56 -14.98 -20.00
C8 OLC N . 12.35 -13.73 -20.81
C24 OLC N . 23.40 -8.98 -21.51
C12 OLC N . 8.43 -15.31 -19.03
C7 OLC N . 13.68 -13.44 -20.10
C13 OLC N . 8.86 -15.27 -17.56
C6 OLC N . 14.70 -12.96 -21.10
C5 OLC N . 15.65 -11.96 -20.44
C4 OLC N . 17.09 -12.28 -20.83
C3 OLC N . 17.98 -11.05 -20.86
C2 OLC N . 18.13 -10.52 -22.27
C21 OLC N . 20.93 -8.67 -21.10
C1 OLC N . 18.88 -9.22 -22.31
C22 OLC N . 22.23 -7.99 -21.54
O19 OLC N . 18.38 -8.13 -22.50
O25 OLC N . 24.42 -8.53 -22.40
O23 OLC N . 22.08 -7.41 -22.85
O20 OLC N . 20.22 -9.43 -22.10
C18 OLC O . 2.13 -15.05 -28.15
C10 OLC O . 9.70 -13.32 -23.33
C9 OLC O . 10.17 -12.20 -23.94
C17 OLC O . 2.18 -14.77 -26.67
C11 OLC O . 8.23 -13.69 -23.25
C8 OLC O . 9.36 -11.12 -24.65
C24 OLC O . 18.95 -4.20 -24.92
C16 OLC O . 3.54 -15.10 -26.07
C12 OLC O . 7.66 -14.03 -24.63
C7 OLC O . 10.17 -9.84 -24.58
C15 OLC O . 4.58 -14.01 -26.32
C13 OLC O . 6.66 -13.03 -25.20
C6 OLC O . 9.59 -8.62 -25.28
C14 OLC O . 5.20 -13.48 -25.02
C5 OLC O . 10.49 -7.44 -24.90
C4 OLC O . 10.64 -6.43 -26.05
C3 OLC O . 12.04 -5.83 -26.31
C2 OLC O . 12.95 -5.88 -25.09
C21 OLC O . 16.44 -4.45 -24.77
C1 OLC O . 13.96 -4.75 -25.08
C22 OLC O . 17.80 -5.19 -24.82
O19 OLC O . 13.62 -3.59 -25.21
O25 OLC O . 18.87 -3.45 -26.14
O23 OLC O . 18.12 -5.91 -23.62
O20 OLC O . 15.24 -5.26 -24.89
C10 OLC P . -7.44 26.82 7.27
C9 OLC P . -7.79 27.85 8.06
C11 OLC P . -7.57 25.40 7.75
C8 OLC P . -8.33 27.61 9.48
C24 OLC P . 3.29 32.76 13.14
C12 OLC P . -8.19 24.53 6.68
C7 OLC P . -7.56 28.33 10.59
C13 OLC P . -9.58 24.07 7.06
C6 OLC P . -6.12 28.63 10.22
C14 OLC P . -10.40 23.80 5.81
C5 OLC P . -5.61 29.79 11.06
C4 OLC P . -4.32 30.36 10.46
C3 OLC P . -3.23 30.48 11.51
C2 OLC P . -2.35 31.69 11.27
C21 OLC P . 1.17 31.56 12.45
C1 OLC P . -1.28 31.74 12.33
C22 OLC P . 2.40 32.36 11.98
O19 OLC P . -1.53 31.58 13.52
O25 OLC P . 3.79 34.09 12.92
O23 OLC P . 3.16 31.60 11.03
O20 OLC P . -0.03 31.99 11.78
C18 OLC Q . 7.96 -15.51 -13.50
C10 OLC Q . 0.56 -18.76 -12.47
C9 OLC Q . -0.43 -19.65 -12.41
C17 OLC Q . 6.48 -15.40 -13.18
C11 OLC Q . 1.63 -18.61 -11.39
C8 OLC Q . -0.61 -20.63 -11.25
C24 OLC Q . -10.30 -27.71 -14.91
C16 OLC Q . 5.59 -15.32 -14.42
C12 OLC Q . 2.69 -17.61 -11.84
C7 OLC Q . -2.07 -21.07 -11.10
C15 OLC Q . 4.90 -16.67 -14.72
C13 OLC Q . 3.33 -18.00 -13.18
C6 OLC Q . -2.21 -22.49 -10.54
C14 OLC Q . 3.48 -16.81 -14.12
C5 OLC Q . -3.62 -23.04 -10.76
C4 OLC Q . -4.05 -23.04 -12.23
C3 OLC Q . -5.54 -23.30 -12.40
C2 OLC Q . -5.85 -23.98 -13.72
C21 OLC Q . -7.97 -27.00 -14.42
C1 OLC Q . -6.40 -25.38 -13.45
C22 OLC Q . -9.02 -27.19 -15.53
O19 OLC Q . -6.13 -26.01 -12.43
O25 OLC Q . -11.09 -26.61 -14.45
O23 OLC Q . -9.31 -25.95 -16.21
O20 OLC Q . -7.20 -25.79 -14.49
CU1 CUA R . 15.22 12.88 -6.41
CU2 CUA R . 16.87 14.71 -5.40
C18 OLC S . 12.62 -25.78 18.27
C10 OLC S . 17.44 -19.45 14.15
C9 OLC S . 18.08 -18.29 14.36
C17 OLC S . 13.90 -25.01 18.02
C11 OLC S . 17.31 -20.56 15.18
C8 OLC S . 18.81 -17.88 15.63
C24 OLC S . 27.74 -10.82 11.62
C16 OLC S . 14.08 -23.85 19.01
C12 OLC S . 15.94 -20.60 15.87
C7 OLC S . 19.50 -16.52 15.49
C15 OLC S . 15.29 -23.00 18.64
C13 OLC S . 16.08 -20.93 17.36
C6 OLC S . 21.02 -16.61 15.33
C14 OLC S . 14.89 -21.72 17.90
C5 OLC S . 21.63 -15.21 15.40
C4 OLC S . 23.04 -15.18 14.78
C3 OLC S . 23.15 -14.12 13.69
C2 OLC S . 24.58 -14.02 13.17
C21 OLC S . 25.92 -12.11 10.39
C1 OLC S . 24.67 -13.72 11.68
C22 OLC S . 27.29 -11.46 10.29
O19 OLC S . 23.80 -13.98 10.85
O25 OLC S . 28.28 -9.49 11.42
O23 OLC S . 28.23 -12.46 9.90
O20 OLC S . 25.88 -13.11 11.39
C18 OLC T . 13.66 -14.04 -9.47
C10 OLC T . 21.62 -9.85 -6.17
C9 OLC T . 22.32 -9.12 -5.30
C17 OLC T . 14.44 -12.77 -9.12
C11 OLC T . 20.55 -9.32 -7.10
C8 OLC T . 22.15 -7.64 -5.09
C24 OLC T . 32.83 -1.14 -6.22
C16 OLC T . 15.96 -12.95 -9.12
C12 OLC T . 20.14 -10.42 -8.06
C7 OLC T . 23.29 -7.11 -4.21
C15 OLC T . 16.67 -11.94 -8.22
C13 OLC T . 19.00 -11.26 -7.50
C6 OLC T . 23.97 -5.88 -4.81
C14 OLC T . 18.13 -11.81 -8.63
C5 OLC T . 25.20 -5.46 -4.00
C4 OLC T . 26.08 -4.55 -4.85
C3 OLC T . 27.58 -4.90 -4.77
C2 OLC T . 28.40 -4.09 -5.79
C21 OLC T . 30.37 -0.93 -5.33
C1 OLC T . 29.57 -3.35 -5.16
C22 OLC T . 31.91 -0.83 -5.05
O19 OLC T . 30.13 -3.82 -4.16
O25 OLC T . 34.10 -0.51 -5.95
O23 OLC T . 32.27 0.51 -4.70
O20 OLC T . 29.86 -2.18 -5.87
C18 OLC U . 14.52 -23.12 8.51
C10 OLC U . 6.05 -24.94 8.55
C9 OLC U . 5.33 -25.48 9.55
C17 OLC U . 13.22 -23.39 9.24
C11 OLC U . 6.94 -25.74 7.58
C8 OLC U . 5.31 -26.98 9.86
C24 OLC U . -3.29 -33.19 14.59
C16 OLC U . 12.54 -24.69 8.78
C12 OLC U . 8.42 -25.73 7.96
C7 OLC U . 4.22 -27.39 10.87
C15 OLC U . 11.24 -24.44 8.00
C13 OLC U . 9.34 -25.58 6.74
C6 OLC U . 3.54 -28.73 10.55
C14 OLC U . 10.81 -25.63 7.14
C5 OLC U . 3.46 -29.66 11.79
C4 OLC U . 2.07 -30.28 12.03
C3 OLC U . 1.29 -29.64 13.19
C2 OLC U . 0.26 -30.59 13.79
C21 OLC U . -3.07 -30.78 15.25
C1 OLC U . -1.02 -29.92 14.25
C22 OLC U . -4.05 -31.94 15.02
O19 OLC U . -1.12 -28.74 14.58
O25 OLC U . -4.25 -34.15 14.16
O23 OLC U . -4.78 -32.22 16.22
O20 OLC U . -2.06 -30.81 14.24
C18 OLC V . 4.45 -5.87 21.81
C10 OLC V . 13.02 -2.21 22.52
C9 OLC V . 14.27 -1.77 22.26
C17 OLC V . 5.23 -4.58 21.60
C11 OLC V . 12.08 -2.79 21.49
C8 OLC V . 14.97 -1.74 20.92
C16 OLC V . 6.64 -4.68 22.20
C12 OLC V . 11.41 -4.06 22.02
C7 OLC V . 16.40 -1.15 21.01
C15 OLC V . 7.56 -3.61 21.63
C13 OLC V . 10.00 -4.26 21.47
C6 OLC V . 16.69 -0.15 19.89
C14 OLC V . 8.92 -3.56 22.30
C5 OLC V . 18.12 0.39 19.91
C4 OLC V . 18.79 0.43 18.53
C3 OLC V . 19.89 1.51 18.45
C2 OLC V . 21.13 1.16 17.60
C21 OLC V . 23.23 3.51 15.50
C1 OLC V . 21.86 2.45 17.22
O19 OLC V . 21.73 3.49 17.88
O20 OLC V . 22.66 2.33 16.11
C18 OLC W . 6.66 -15.11 -8.63
C10 OLC W . 12.43 -12.67 -4.50
C9 OLC W . 13.42 -12.95 -3.65
C17 OLC W . 6.23 -13.65 -8.67
C11 OLC W . 12.25 -11.45 -5.38
C8 OLC W . 14.62 -12.10 -3.36
C24 OLC W . 24.54 -10.76 -2.90
C16 OLC W . 6.81 -12.79 -7.52
C12 OLC W . 11.49 -11.85 -6.65
C7 OLC W . 15.39 -12.66 -2.18
C15 OLC W . 7.88 -11.81 -7.97
C13 OLC W . 9.99 -11.56 -6.61
C6 OLC W . 16.75 -11.96 -2.03
C14 OLC W . 9.27 -12.38 -7.67
C5 OLC W . 17.74 -12.66 -2.96
C4 OLC W . 18.98 -11.85 -3.28
C3 OLC W . 19.95 -12.83 -3.94
C2 OLC W . 21.40 -12.52 -3.63
C21 OLC W . 24.18 -12.96 -1.59
C1 OLC W . 21.84 -13.29 -2.40
C22 OLC W . 25.18 -12.01 -2.27
O19 OLC W . 21.37 -14.37 -2.09
O25 OLC W . 25.44 -9.64 -3.04
O23 OLC W . 26.15 -11.62 -1.26
O20 OLC W . 22.81 -12.56 -1.72
C18 OLC X . 3.10 -20.46 -6.83
C10 OLC X . 11.24 -17.34 -4.94
C9 OLC X . 12.34 -17.44 -5.69
C17 OLC X . 3.31 -18.95 -6.65
C11 OLC X . 10.20 -16.27 -5.10
C8 OLC X . 12.73 -16.50 -6.82
C24 OLC X . 24.42 -15.16 -7.25
C16 OLC X . 4.35 -18.65 -5.57
C12 OLC X . 8.87 -16.86 -4.63
C7 OLC X . 14.25 -16.37 -6.80
C15 OLC X . 5.47 -17.77 -6.12
C13 OLC X . 7.89 -17.04 -5.78
C6 OLC X . 14.98 -17.25 -7.82
C14 OLC X . 6.78 -18.00 -5.36
C5 OLC X . 16.30 -17.85 -7.34
C4 OLC X . 17.05 -17.02 -6.29
C3 OLC X . 18.09 -16.10 -6.91
C2 OLC X . 19.34 -15.95 -6.04
C21 OLC X . 22.30 -13.85 -6.91
C1 OLC X . 20.55 -15.54 -6.87
C22 OLC X . 23.71 -14.12 -6.37
O19 OLC X . 20.82 -15.98 -7.98
O25 OLC X . 24.70 -14.56 -8.53
O23 OLC X . 24.46 -12.89 -6.36
O20 OLC X . 21.31 -14.63 -6.20
#